data_4E6B
# 
_entry.id   4E6B 
# 
_audit_conform.dict_name       mmcif_pdbx.dic 
_audit_conform.dict_version    5.387 
_audit_conform.dict_location   http://mmcif.pdb.org/dictionaries/ascii/mmcif_pdbx.dic 
# 
loop_
_database_2.database_id 
_database_2.database_code 
_database_2.pdbx_database_accession 
_database_2.pdbx_DOI 
PDB   4E6B         pdb_00004e6b 10.2210/pdb4e6b/pdb 
NDB   NA1659       ?            ?                   
RCSB  RCSB071223   ?            ?                   
WWPDB D_1000071223 ?            ?                   
# 
loop_
_pdbx_audit_revision_history.ordinal 
_pdbx_audit_revision_history.data_content_type 
_pdbx_audit_revision_history.major_revision 
_pdbx_audit_revision_history.minor_revision 
_pdbx_audit_revision_history.revision_date 
1 'Structure model' 1 0 2012-07-11 
2 'Structure model' 1 1 2012-08-29 
3 'Structure model' 1 2 2017-11-15 
4 'Structure model' 1 3 2024-02-28 
# 
_pdbx_audit_revision_details.ordinal             1 
_pdbx_audit_revision_details.revision_ordinal    1 
_pdbx_audit_revision_details.data_content_type   'Structure model' 
_pdbx_audit_revision_details.provider            repository 
_pdbx_audit_revision_details.type                'Initial release' 
_pdbx_audit_revision_details.description         ? 
_pdbx_audit_revision_details.details             ? 
# 
loop_
_pdbx_audit_revision_group.ordinal 
_pdbx_audit_revision_group.revision_ordinal 
_pdbx_audit_revision_group.data_content_type 
_pdbx_audit_revision_group.group 
1 2 'Structure model' 'Database references'    
2 3 'Structure model' 'Refinement description' 
3 4 'Structure model' 'Data collection'        
4 4 'Structure model' 'Database references'    
# 
loop_
_pdbx_audit_revision_category.ordinal 
_pdbx_audit_revision_category.revision_ordinal 
_pdbx_audit_revision_category.data_content_type 
_pdbx_audit_revision_category.category 
1 3 'Structure model' software       
2 4 'Structure model' chem_comp_atom 
3 4 'Structure model' chem_comp_bond 
4 4 'Structure model' database_2     
# 
loop_
_pdbx_audit_revision_item.ordinal 
_pdbx_audit_revision_item.revision_ordinal 
_pdbx_audit_revision_item.data_content_type 
_pdbx_audit_revision_item.item 
1 3 'Structure model' '_software.name'                      
2 4 'Structure model' '_database_2.pdbx_DOI'                
3 4 'Structure model' '_database_2.pdbx_database_accession' 
# 
_pdbx_database_status.entry_id                        4E6B 
_pdbx_database_status.status_code                     REL 
_pdbx_database_status.deposit_site                    RCSB 
_pdbx_database_status.process_site                    RCSB 
_pdbx_database_status.recvd_initial_deposition_date   2012-03-15 
_pdbx_database_status.status_code_sf                  REL 
_pdbx_database_status.status_code_mr                  ? 
_pdbx_database_status.SG_entry                        ? 
_pdbx_database_status.status_code_cs                  ? 
_pdbx_database_status.methods_development_category    ? 
_pdbx_database_status.pdb_format_compatible           Y 
_pdbx_database_status.status_code_nmr_data            ? 
# 
loop_
_pdbx_database_related.db_name 
_pdbx_database_related.db_id 
_pdbx_database_related.details 
_pdbx_database_related.content_type 
PDB 4E48 . unspecified 
PDB 4E5C . unspecified 
# 
loop_
_audit_author.name 
_audit_author.pdbx_ordinal 
'Malinina, L.' 1 
'Popov, A.'    2 
'Tamjar, J.'   3 
# 
_citation.id                        primary 
_citation.title                     'Structural dynamics of double-helical RNAs composed of CUG/CUG- and CUG/CGG-repeats.' 
_citation.journal_abbrev            J.Biomol.Struct.Dyn. 
_citation.journal_volume            30 
_citation.page_first                505 
_citation.page_last                 523 
_citation.year                      2012 
_citation.journal_id_ASTM           JBSDD6 
_citation.country                   US 
_citation.journal_id_ISSN           0739-1102 
_citation.journal_id_CSD            0646 
_citation.book_publisher            ? 
_citation.pdbx_database_id_PubMed   22731704 
_citation.pdbx_database_id_DOI      10.1080/07391102.2012.687517 
# 
loop_
_citation_author.citation_id 
_citation_author.name 
_citation_author.ordinal 
_citation_author.identifier_ORCID 
primary 'Tamjar, J.'   1 ? 
primary 'Katorcha, E.' 2 ? 
primary 'Popov, A.'    3 ? 
primary 'Malinina, L.' 4 ? 
# 
loop_
_entity.id 
_entity.type 
_entity.src_method 
_entity.pdbx_description 
_entity.formula_weight 
_entity.pdbx_number_of_molecules 
_entity.pdbx_ec 
_entity.pdbx_mutation 
_entity.pdbx_fragment 
_entity.details 
1 polymer syn "5'-R(P*CP*GP*GP*CP*GP*GP*CP*GP*GP*CP*CP*UP*GP*CP*UP*GP*CP*UP*G)-3'" 1255.818 2  ? ? 'SEE REMARK 999' 
'p(CGG)3C(CUG)3' 
2 polymer syn "5'-R(P*CP*GP*GP*CP*GP*GP*CP*GP*GP*CP*CP*UP*GP*CP*UP*GP*CP*UP*G)-3'" 1255.818 2  ? ? 'SEE REMARK 999' 
'p(CGG)3C(CUG)3' 
3 water   nat water                                                                18.015   18 ? ? ?                ? 
# 
loop_
_entity_poly.entity_id 
_entity_poly.type 
_entity_poly.nstd_linkage 
_entity_poly.nstd_monomer 
_entity_poly.pdbx_seq_one_letter_code 
_entity_poly.pdbx_seq_one_letter_code_can 
_entity_poly.pdbx_strand_id 
_entity_poly.pdbx_target_identifier 
1 polyribonucleotide no no CGCG CGCG A,B ? 
2 polyribonucleotide no no GCGC GCGC F,E ? 
# 
_pdbx_entity_nonpoly.entity_id   3 
_pdbx_entity_nonpoly.name        water 
_pdbx_entity_nonpoly.comp_id     HOH 
# 
loop_
_entity_poly_seq.entity_id 
_entity_poly_seq.num 
_entity_poly_seq.mon_id 
_entity_poly_seq.hetero 
1 1 C n 
1 2 G n 
1 3 C n 
1 4 G n 
2 1 G n 
2 2 C n 
2 3 G n 
2 4 C n 
# 
loop_
_chem_comp.id 
_chem_comp.type 
_chem_comp.mon_nstd_flag 
_chem_comp.name 
_chem_comp.pdbx_synonyms 
_chem_comp.formula 
_chem_comp.formula_weight 
C   'RNA linking' y "CYTIDINE-5'-MONOPHOSPHATE"  ? 'C9 H14 N3 O8 P'  323.197 
G   'RNA linking' y "GUANOSINE-5'-MONOPHOSPHATE" ? 'C10 H14 N5 O8 P' 363.221 
HOH non-polymer   . WATER                        ? 'H2 O'            18.015  
# 
loop_
_pdbx_poly_seq_scheme.asym_id 
_pdbx_poly_seq_scheme.entity_id 
_pdbx_poly_seq_scheme.seq_id 
_pdbx_poly_seq_scheme.mon_id 
_pdbx_poly_seq_scheme.ndb_seq_num 
_pdbx_poly_seq_scheme.pdb_seq_num 
_pdbx_poly_seq_scheme.auth_seq_num 
_pdbx_poly_seq_scheme.pdb_mon_id 
_pdbx_poly_seq_scheme.auth_mon_id 
_pdbx_poly_seq_scheme.pdb_strand_id 
_pdbx_poly_seq_scheme.pdb_ins_code 
_pdbx_poly_seq_scheme.hetero 
A 1 1 C 1 8  8  C C A . n 
A 1 2 G 2 9  9  G G A . n 
A 1 3 C 3 10 10 C C A . n 
A 1 4 G 4 11 11 G G A . n 
B 1 1 C 1 7  7  C C B . n 
B 1 2 G 2 8  8  G G B . n 
B 1 3 C 3 9  9  C C B . n 
B 1 4 G 4 10 10 G G B . n 
C 2 1 G 1 8  8  G G F . n 
C 2 2 C 2 9  9  C C F . n 
C 2 3 G 3 10 10 G G F . n 
C 2 4 C 4 11 11 C C F . n 
D 2 1 G 1 7  7  G G E . n 
D 2 2 C 2 8  8  C C E . n 
D 2 3 G 3 9  9  G G E . n 
D 2 4 C 4 10 10 C C E . n 
# 
loop_
_pdbx_nonpoly_scheme.asym_id 
_pdbx_nonpoly_scheme.entity_id 
_pdbx_nonpoly_scheme.mon_id 
_pdbx_nonpoly_scheme.ndb_seq_num 
_pdbx_nonpoly_scheme.pdb_seq_num 
_pdbx_nonpoly_scheme.auth_seq_num 
_pdbx_nonpoly_scheme.pdb_mon_id 
_pdbx_nonpoly_scheme.auth_mon_id 
_pdbx_nonpoly_scheme.pdb_strand_id 
_pdbx_nonpoly_scheme.pdb_ins_code 
E 3 HOH 1  101 3  HOH HOH A . 
E 3 HOH 2  102 4  HOH HOH A . 
E 3 HOH 3  103 8  HOH HOH A . 
E 3 HOH 4  104 9  HOH HOH A . 
E 3 HOH 5  105 12 HOH HOH A . 
E 3 HOH 6  106 13 HOH HOH A . 
E 3 HOH 7  107 14 HOH HOH A . 
E 3 HOH 8  108 16 HOH HOH A . 
E 3 HOH 9  109 20 HOH HOH A . 
E 3 HOH 10 110 21 HOH HOH A . 
F 3 HOH 1  101 10 HOH HOH B . 
F 3 HOH 2  102 11 HOH HOH B . 
F 3 HOH 3  103 18 HOH HOH B . 
F 3 HOH 4  104 19 HOH HOH B . 
F 3 HOH 5  105 23 HOH HOH B . 
F 3 HOH 6  106 24 HOH HOH B . 
G 3 HOH 1  101 17 HOH HOH E . 
G 3 HOH 2  102 22 HOH HOH E . 
# 
loop_
_software.pdbx_ordinal 
_software.name 
_software.version 
_software.date 
_software.type 
_software.contact_author 
_software.contact_author_email 
_software.classification 
_software.location 
_software.language 
_software.citation_id 
1 SCALEPACK   .       ?               program 'Zbyszek Otwinowski' hkl@hkl-xray.com         'data scaling'    
http://www.hkl-xray.com/                     ?          ? 
2 AMoRE       .       ?               program 'Jorge Navaza'       ccp4@ccp4.ac.uk          phasing           
http://www.ccp4.ac.uk/                       Fortran_77 ? 
3 REFMAC      .       ?               program 'Garib N. Murshudov' garib@ysbl.york.ac.uk    refinement        
http://www.ccp4.ac.uk/dist/html/refmac5.html Fortran_77 ? 
4 PDB_EXTRACT 3.10    'June 10, 2010' package PDB                  deposit@deposit.rcsb.org 'data extraction' 
http://sw-tools.pdb.org/apps/PDB_EXTRACT/    C++        ? 
5 ADSC        Quantum ?               ?       ?                    ?                        'data collection' ? ?          ? 
6 DENZO       .       ?               ?       ?                    ?                        'data reduction'  ? ?          ? 
# 
_cell.length_a           39.779 
_cell.length_b           39.779 
_cell.length_c           34.900 
_cell.angle_alpha        90.000 
_cell.angle_beta         90.000 
_cell.angle_gamma        120.000 
_cell.entry_id           4E6B 
_cell.pdbx_unique_axis   ? 
_cell.Z_PDB              18 
_cell.length_a_esd       ? 
_cell.length_b_esd       ? 
_cell.length_c_esd       ? 
_cell.angle_alpha_esd    ? 
_cell.angle_beta_esd     ? 
_cell.angle_gamma_esd    ? 
# 
_symmetry.space_group_name_H-M             'H 3' 
_symmetry.entry_id                         4E6B 
_symmetry.Int_Tables_number                146 
_symmetry.pdbx_full_space_group_name_H-M   ? 
_symmetry.cell_setting                     ? 
_symmetry.space_group_name_Hall            ? 
# 
_exptl.crystals_number   1 
_exptl.entry_id          4E6B 
_exptl.method            'X-RAY DIFFRACTION' 
# 
_exptl_crystal.id                    1 
_exptl_crystal.density_Matthews      2.12 
_exptl_crystal.density_meas          ? 
_exptl_crystal.density_percent_sol   41.86 
_exptl_crystal.description           ? 
_exptl_crystal.F_000                 ? 
_exptl_crystal.preparation           ? 
# 
_exptl_crystal_grow.crystal_id      1 
_exptl_crystal_grow.method          'VAPOR DIFFUSION, HANGING DROP' 
_exptl_crystal_grow.pH              6.2 
_exptl_crystal_grow.temp            291 
_exptl_crystal_grow.pdbx_details    
'1.9 mM ammonium sulfate, 5% isopropanol, pH 6.2, VAPOR DIFFUSION, HANGING DROP, temperature 291K' 
_exptl_crystal_grow.temp_details    ? 
_exptl_crystal_grow.pdbx_pH_range   ? 
# 
_diffrn.id                     1 
_diffrn.ambient_temp           100 
_diffrn.ambient_temp_details   ? 
_diffrn.crystal_id             1 
# 
_diffrn_detector.diffrn_id              1 
_diffrn_detector.detector               CCD 
_diffrn_detector.type                   'ADSC QUANTUM 315r' 
_diffrn_detector.pdbx_collection_date   2010-10-25 
_diffrn_detector.details                ? 
# 
_diffrn_radiation.diffrn_id                        1 
_diffrn_radiation.pdbx_diffrn_protocol             'SINGLE WAVELENGTH' 
_diffrn_radiation.monochromator                    'Si(111)' 
_diffrn_radiation.wavelength_id                    1 
_diffrn_radiation.pdbx_monochromatic_or_laue_m_l   M 
_diffrn_radiation.pdbx_scattering_type             x-ray 
# 
_diffrn_radiation_wavelength.id           1 
_diffrn_radiation_wavelength.wavelength   0.9724 
_diffrn_radiation_wavelength.wt           1.0 
# 
_diffrn_source.diffrn_id                   1 
_diffrn_source.source                      SYNCHROTRON 
_diffrn_source.type                        'ESRF BEAMLINE ID23-1' 
_diffrn_source.pdbx_wavelength_list        0.9724 
_diffrn_source.pdbx_wavelength             ? 
_diffrn_source.pdbx_synchrotron_site       ESRF 
_diffrn_source.pdbx_synchrotron_beamline   ID23-1 
# 
_reflns.entry_id                     4E6B 
_reflns.d_resolution_high            1.470 
_reflns.d_resolution_low             30.0 
_reflns.number_obs                   3488 
_reflns.pdbx_Rmerge_I_obs            0.049 
_reflns.pdbx_netI_over_sigmaI        24.1 
_reflns.pdbx_chi_squared             1.259 
_reflns.pdbx_redundancy              3.4 
_reflns.percent_possible_obs         99.4 
_reflns.observed_criterion_sigma_F   2 
_reflns.observed_criterion_sigma_I   2 
_reflns.number_all                   ? 
_reflns.pdbx_Rsym_value              ? 
_reflns.B_iso_Wilson_estimate        ? 
_reflns.R_free_details               ? 
_reflns.limit_h_max                  ? 
_reflns.limit_h_min                  ? 
_reflns.limit_k_max                  ? 
_reflns.limit_k_min                  ? 
_reflns.limit_l_max                  ? 
_reflns.limit_l_min                  ? 
_reflns.observed_criterion_F_max     ? 
_reflns.observed_criterion_F_min     ? 
_reflns.pdbx_scaling_rejects         ? 
_reflns.pdbx_ordinal                 1 
_reflns.pdbx_diffrn_id               1 
# 
loop_
_reflns_shell.d_res_high 
_reflns_shell.d_res_low 
_reflns_shell.number_measured_obs 
_reflns_shell.number_measured_all 
_reflns_shell.number_unique_obs 
_reflns_shell.Rmerge_I_obs 
_reflns_shell.meanI_over_sigI_obs 
_reflns_shell.pdbx_Rsym_value 
_reflns_shell.pdbx_chi_squared 
_reflns_shell.pdbx_redundancy 
_reflns_shell.percent_possible_obs 
_reflns_shell.number_unique_all 
_reflns_shell.percent_possible_all 
_reflns_shell.pdbx_ordinal 
_reflns_shell.pdbx_diffrn_id 
1.470 1.500  ? ? ? 0.169 ? ? 1.176 2.1  ? 169 97.1  1  1 
1.500 1.520  ? ? ? 0.144 ? ? 1.017 2.2  ? 179 100.0 2  1 
1.520 1.550  ? ? ? 0.125 ? ? 0.837 2.3  ? 171 100.0 3  1 
1.550 1.580  ? ? ? 0.087 ? ? 0.903 2.2  ? 176 100.0 4  1 
1.580 1.620  ? ? ? 0.090 ? ? 1.192 2.2  ? 172 100.0 5  1 
1.620 1.660  ? ? ? 0.070 ? ? 0.933 2.2  ? 177 98.9  6  1 
1.660 1.700  ? ? ? 0.064 ? ? 0.969 2.3  ? 171 98.8  7  1 
1.700 1.740  ? ? ? 0.045 ? ? 0.903 2.2  ? 168 97.1  8  1 
1.740 1.790  ? ? ? 0.048 ? ? 1.001 2.3  ? 170 100.0 9  1 
1.790 1.850  ? ? ? 0.043 ? ? 0.815 2.2  ? 185 100.0 10 1 
1.850 1.920  ? ? ? 0.032 ? ? 0.728 2.3  ? 178 99.4  11 1 
1.920 1.990  ? ? ? 0.028 ? ? 0.829 2.1  ? 174 99.4  12 1 
1.990 2.090  ? ? ? 0.029 ? ? 0.994 2.3  ? 164 99.4  13 1 
2.090 2.200  ? ? ? 0.029 ? ? 0.742 2.3  ? 184 100.0 14 1 
2.200 2.330  ? ? ? 0.026 ? ? 0.878 2.3  ? 180 100.0 15 1 
2.330 2.510  ? ? ? 0.042 ? ? 1.577 2.3  ? 176 100.0 16 1 
2.510 2.770  ? ? ? 0.040 ? ? 2.381 2.2  ? 167 99.4  17 1 
2.770 3.170  ? ? ? 0.071 ? ? 1.941 6.1  ? 175 98.3  18 1 
3.170 3.990  ? ? ? 0.053 ? ? 1.335 12.5 ? 174 99.4  19 1 
3.990 30.000 ? ? ? 0.045 ? ? 1.268 11.8 ? 178 100.0 20 1 
# 
_refine.entry_id                                 4E6B 
_refine.ls_d_res_high                            1.470 
_refine.ls_d_res_low                             15.0 
_refine.pdbx_ls_sigma_F                          0.0 
_refine.pdbx_data_cutoff_high_absF               ? 
_refine.pdbx_data_cutoff_low_absF                ? 
_refine.ls_percent_reflns_obs                    99.4 
_refine.ls_number_reflns_obs                     3481 
_refine.ls_number_reflns_all                     ? 
_refine.pdbx_ls_cross_valid_method               THROUGHOUT 
_refine.pdbx_R_Free_selection_details            RANDOM 
_refine.details                                  'HYDROGENS HAVE BEEN ADDED IN THE RIDING POSITIONS' 
_refine.ls_R_factor_all                          ? 
_refine.ls_R_factor_obs                          0.2048 
_refine.ls_R_factor_R_work                       0.2043 
_refine.ls_wR_factor_R_work                      0.2469 
_refine.ls_R_factor_R_free                       0.2194 
_refine.ls_wR_factor_R_free                      0.2611 
_refine.ls_percent_reflns_R_free                 4.4000 
_refine.ls_number_reflns_R_free                  152 
_refine.ls_R_factor_R_free_error                 ? 
_refine.B_iso_mean                               31.9728 
_refine.solvent_model_param_bsol                 ? 
_refine.solvent_model_param_ksol                 ? 
_refine.pdbx_isotropic_thermal_model             ? 
_refine.aniso_B[1][1]                            0.0100 
_refine.aniso_B[2][2]                            0.0100 
_refine.aniso_B[3][3]                            -0.0200 
_refine.aniso_B[1][2]                            0.0100 
_refine.aniso_B[1][3]                            0.0000 
_refine.aniso_B[2][3]                            0.0000 
_refine.correlation_coeff_Fo_to_Fc               0.9740 
_refine.correlation_coeff_Fo_to_Fc_free          0.9680 
_refine.overall_SU_R_Cruickshank_DPI             0.1340 
_refine.overall_SU_R_free                        0.1082 
_refine.pdbx_overall_ESU_R                       0.1340 
_refine.pdbx_overall_ESU_R_Free                  0.1080 
_refine.overall_SU_ML                            ? 
_refine.overall_SU_B                             ? 
_refine.solvent_model_details                    MASK 
_refine.pdbx_solvent_vdw_probe_radii             1.2000 
_refine.pdbx_solvent_ion_probe_radii             0.8000 
_refine.pdbx_solvent_shrinkage_radii             0.8000 
_refine.ls_number_parameters                     ? 
_refine.ls_number_restraints                     ? 
_refine.pdbx_starting_model                      ? 
_refine.pdbx_method_to_determine_struct          'MOLECULAR REPLACEMENT' 
_refine.pdbx_stereochemistry_target_values       'MAXIMUM LIKELIHOOD' 
_refine.pdbx_stereochem_target_val_spec_case     ? 
_refine.overall_FOM_work_R_set                   0.7923 
_refine.B_iso_max                                64.280 
_refine.B_iso_min                                23.900 
_refine.pdbx_overall_phase_error                 ? 
_refine.occupancy_max                            1.000 
_refine.occupancy_min                            0.160 
_refine.pdbx_ls_sigma_I                          ? 
_refine.ls_redundancy_reflns_obs                 ? 
_refine.ls_R_factor_R_free_error_details         ? 
_refine.pdbx_data_cutoff_high_rms_absF           ? 
_refine.overall_FOM_free_R_set                   ? 
_refine.pdbx_diffrn_id                           1 
_refine.pdbx_refine_id                           'X-RAY DIFFRACTION' 
_refine.pdbx_TLS_residual_ADP_flag               ? 
_refine.pdbx_overall_SU_R_free_Cruickshank_DPI   ? 
_refine.pdbx_overall_SU_R_Blow_DPI               ? 
_refine.pdbx_overall_SU_R_free_Blow_DPI          ? 
# 
_refine_hist.pdbx_refine_id                   'X-RAY DIFFRACTION' 
_refine_hist.cycle_id                         LAST 
_refine_hist.pdbx_number_atoms_protein        0 
_refine_hist.pdbx_number_atoms_nucleic_acid   344 
_refine_hist.pdbx_number_atoms_ligand         0 
_refine_hist.number_atoms_solvent             18 
_refine_hist.number_atoms_total               362 
_refine_hist.d_res_high                       1.470 
_refine_hist.d_res_low                        15.0 
# 
loop_
_refine_ls_restr.type 
_refine_ls_restr.number 
_refine_ls_restr.dev_ideal 
_refine_ls_restr.dev_ideal_target 
_refine_ls_restr.weight 
_refine_ls_restr.pdbx_restraint_function 
_refine_ls_restr.pdbx_refine_id 
r_bond_refined_d         382 0.020 0.021 ? ? 'X-RAY DIFFRACTION' 
r_bond_other_d           128 0.000 0.020 ? ? 'X-RAY DIFFRACTION' 
r_angle_refined_deg      592 1.859 3.000 ? ? 'X-RAY DIFFRACTION' 
r_angle_other_deg        336 1.673 3.000 ? ? 'X-RAY DIFFRACTION' 
r_chiral_restr           80  0.071 0.200 ? ? 'X-RAY DIFFRACTION' 
r_gen_planes_refined     168 0.006 0.020 ? ? 'X-RAY DIFFRACTION' 
r_gen_planes_other       32  0.012 0.020 ? ? 'X-RAY DIFFRACTION' 
r_nbd_refined            14  0.060 0.200 ? ? 'X-RAY DIFFRACTION' 
r_nbd_other              106 0.192 0.200 ? ? 'X-RAY DIFFRACTION' 
r_nbtor_refined          137 0.239 0.200 ? ? 'X-RAY DIFFRACTION' 
r_nbtor_other            82  0.059 0.200 ? ? 'X-RAY DIFFRACTION' 
r_xyhbond_nbd_refined    3   0.031 0.200 ? ? 'X-RAY DIFFRACTION' 
r_symmetry_vdw_refined   2   0.115 0.200 ? ? 'X-RAY DIFFRACTION' 
r_symmetry_vdw_other     2   0.528 0.200 ? ? 'X-RAY DIFFRACTION' 
r_symmetry_hbond_refined 1   0.005 0.200 ? ? 'X-RAY DIFFRACTION' 
r_scbond_it              382 1.329 3.000 ? ? 'X-RAY DIFFRACTION' 
r_scangle_it             592 1.903 4.500 ? ? 'X-RAY DIFFRACTION' 
# 
_refine_ls_shell.d_res_high                       1.470 
_refine_ls_shell.d_res_low                        1.508 
_refine_ls_shell.pdbx_total_number_of_bins_used   20 
_refine_ls_shell.percent_reflns_obs               98.48 
_refine_ls_shell.number_reflns_R_work             247 
_refine_ls_shell.R_factor_all                     ? 
_refine_ls_shell.R_factor_R_work                  0.2580 
_refine_ls_shell.R_factor_R_free                  0.1940 
_refine_ls_shell.percent_reflns_R_free            ? 
_refine_ls_shell.number_reflns_R_free             13 
_refine_ls_shell.R_factor_R_free_error            ? 
_refine_ls_shell.number_reflns_all                260 
_refine_ls_shell.number_reflns_obs                ? 
_refine_ls_shell.redundancy_reflns_obs            ? 
_refine_ls_shell.pdbx_refine_id                   'X-RAY DIFFRACTION' 
# 
_struct.entry_id                  4E6B 
_struct.title                     'Crystal Structure of statistically disordered 19mer duplex p(CGG)3C(CUG)3' 
_struct.pdbx_model_details        ? 
_struct.pdbx_CASP_flag            ? 
_struct.pdbx_model_type_details   ? 
# 
_struct_keywords.entry_id        4E6B 
_struct_keywords.text            'siRNA, trinucleotide repeat expansion, RNA' 
_struct_keywords.pdbx_keywords   RNA 
# 
loop_
_struct_asym.id 
_struct_asym.pdbx_blank_PDB_chainid_flag 
_struct_asym.pdbx_modified 
_struct_asym.entity_id 
_struct_asym.details 
A N N 1 ? 
B N N 1 ? 
C N N 2 ? 
D N N 2 ? 
E N N 3 ? 
F N N 3 ? 
G N N 3 ? 
# 
loop_
_struct_ref.id 
_struct_ref.db_name 
_struct_ref.db_code 
_struct_ref.pdbx_db_accession 
_struct_ref.entity_id 
_struct_ref.pdbx_align_begin 
_struct_ref.pdbx_seq_one_letter_code 
_struct_ref.pdbx_db_isoform 
1 PDB 4E6B 4E6B 1 1 CGCG ? 
2 PDB 4E6B 4E6B 2 1 GCGC ? 
# 
loop_
_struct_ref_seq.align_id 
_struct_ref_seq.ref_id 
_struct_ref_seq.pdbx_PDB_id_code 
_struct_ref_seq.pdbx_strand_id 
_struct_ref_seq.seq_align_beg 
_struct_ref_seq.pdbx_seq_align_beg_ins_code 
_struct_ref_seq.seq_align_end 
_struct_ref_seq.pdbx_seq_align_end_ins_code 
_struct_ref_seq.pdbx_db_accession 
_struct_ref_seq.db_align_beg 
_struct_ref_seq.pdbx_db_align_beg_ins_code 
_struct_ref_seq.db_align_end 
_struct_ref_seq.pdbx_db_align_end_ins_code 
_struct_ref_seq.pdbx_auth_seq_align_beg 
_struct_ref_seq.pdbx_auth_seq_align_end 
1 1 4E6B A 1 ? 4 ? 4E6B 8 ? 11 ? 8 11 
2 1 4E6B B 1 ? 4 ? 4E6B 7 ? 10 ? 7 10 
3 2 4E6B F 1 ? 4 ? 4E6B 8 ? 11 ? 8 11 
4 2 4E6B E 1 ? 4 ? 4E6B 7 ? 10 ? 7 10 
# 
_pdbx_struct_assembly.id                   1 
_pdbx_struct_assembly.details              author_defined_assembly 
_pdbx_struct_assembly.method_details       ? 
_pdbx_struct_assembly.oligomeric_details   tetrameric 
_pdbx_struct_assembly.oligomeric_count     4 
# 
_pdbx_struct_assembly_gen.assembly_id       1 
_pdbx_struct_assembly_gen.oper_expression   1 
_pdbx_struct_assembly_gen.asym_id_list      A,B,C,D,E,F,G 
# 
_pdbx_struct_oper_list.id                   1 
_pdbx_struct_oper_list.type                 'identity operation' 
_pdbx_struct_oper_list.name                 1_555 
_pdbx_struct_oper_list.symmetry_operation   x,y,z 
_pdbx_struct_oper_list.matrix[1][1]         1.0000000000 
_pdbx_struct_oper_list.matrix[1][2]         0.0000000000 
_pdbx_struct_oper_list.matrix[1][3]         0.0000000000 
_pdbx_struct_oper_list.vector[1]            0.0000000000 
_pdbx_struct_oper_list.matrix[2][1]         0.0000000000 
_pdbx_struct_oper_list.matrix[2][2]         1.0000000000 
_pdbx_struct_oper_list.matrix[2][3]         0.0000000000 
_pdbx_struct_oper_list.vector[2]            0.0000000000 
_pdbx_struct_oper_list.matrix[3][1]         0.0000000000 
_pdbx_struct_oper_list.matrix[3][2]         0.0000000000 
_pdbx_struct_oper_list.matrix[3][3]         1.0000000000 
_pdbx_struct_oper_list.vector[3]            0.0000000000 
# 
_struct_biol.id        1 
_struct_biol.details   
;THE BIOLOGICAL ASSEMBLY IS A 19-MER RNA DUPLEX.  DUE TO STATISTICAL DISORDER WITHIN THE CRYSTAL, REMARK 350 REPRESENTS THE ASYMMETRIC UNIT.
;
# 
loop_
_struct_conn.id 
_struct_conn.conn_type_id 
_struct_conn.pdbx_leaving_atom_flag 
_struct_conn.pdbx_PDB_id 
_struct_conn.ptnr1_label_asym_id 
_struct_conn.ptnr1_label_comp_id 
_struct_conn.ptnr1_label_seq_id 
_struct_conn.ptnr1_label_atom_id 
_struct_conn.pdbx_ptnr1_label_alt_id 
_struct_conn.pdbx_ptnr1_PDB_ins_code 
_struct_conn.pdbx_ptnr1_standard_comp_id 
_struct_conn.ptnr1_symmetry 
_struct_conn.ptnr2_label_asym_id 
_struct_conn.ptnr2_label_comp_id 
_struct_conn.ptnr2_label_seq_id 
_struct_conn.ptnr2_label_atom_id 
_struct_conn.pdbx_ptnr2_label_alt_id 
_struct_conn.pdbx_ptnr2_PDB_ins_code 
_struct_conn.ptnr1_auth_asym_id 
_struct_conn.ptnr1_auth_comp_id 
_struct_conn.ptnr1_auth_seq_id 
_struct_conn.ptnr2_auth_asym_id 
_struct_conn.ptnr2_auth_comp_id 
_struct_conn.ptnr2_auth_seq_id 
_struct_conn.ptnr2_symmetry 
_struct_conn.pdbx_ptnr3_label_atom_id 
_struct_conn.pdbx_ptnr3_label_seq_id 
_struct_conn.pdbx_ptnr3_label_comp_id 
_struct_conn.pdbx_ptnr3_label_asym_id 
_struct_conn.pdbx_ptnr3_label_alt_id 
_struct_conn.pdbx_ptnr3_PDB_ins_code 
_struct_conn.details 
_struct_conn.pdbx_dist_value 
_struct_conn.pdbx_value_order 
_struct_conn.pdbx_role 
hydrog1  hydrog ? ? A C 1 N3 ? ? ? 1_555 B G 4 N1 ? ? A C 8  B G 10 1_555 ? ? ? ? ? ? WATSON-CRICK ? ? ? 
hydrog2  hydrog ? ? A C 1 N4 ? ? ? 1_555 B G 4 O6 ? ? A C 8  B G 10 1_555 ? ? ? ? ? ? WATSON-CRICK ? ? ? 
hydrog3  hydrog ? ? A C 1 O2 ? ? ? 1_555 B G 4 N2 ? ? A C 8  B G 10 1_555 ? ? ? ? ? ? WATSON-CRICK ? ? ? 
hydrog4  hydrog ? ? A G 2 N1 ? ? ? 1_555 B C 3 N3 ? ? A G 9  B C 9  1_555 ? ? ? ? ? ? WATSON-CRICK ? ? ? 
hydrog5  hydrog ? ? A G 2 N2 ? ? ? 1_555 B C 3 O2 ? ? A G 9  B C 9  1_555 ? ? ? ? ? ? WATSON-CRICK ? ? ? 
hydrog6  hydrog ? ? A G 2 O6 ? ? ? 1_555 B C 3 N4 ? ? A G 9  B C 9  1_555 ? ? ? ? ? ? WATSON-CRICK ? ? ? 
hydrog7  hydrog ? ? A C 3 N3 ? ? ? 1_555 B G 2 N1 ? ? A C 10 B G 8  1_555 ? ? ? ? ? ? WATSON-CRICK ? ? ? 
hydrog8  hydrog ? ? A C 3 N4 ? ? ? 1_555 B G 2 O6 ? ? A C 10 B G 8  1_555 ? ? ? ? ? ? WATSON-CRICK ? ? ? 
hydrog9  hydrog ? ? A C 3 O2 ? ? ? 1_555 B G 2 N2 ? ? A C 10 B G 8  1_555 ? ? ? ? ? ? WATSON-CRICK ? ? ? 
hydrog10 hydrog ? ? A G 4 N1 ? ? ? 1_555 B C 1 N3 ? ? A G 11 B C 7  1_555 ? ? ? ? ? ? WATSON-CRICK ? ? ? 
hydrog11 hydrog ? ? A G 4 N2 ? ? ? 1_555 B C 1 O2 ? ? A G 11 B C 7  1_555 ? ? ? ? ? ? WATSON-CRICK ? ? ? 
hydrog12 hydrog ? ? A G 4 O6 ? ? ? 1_555 B C 1 N4 ? ? A G 11 B C 7  1_555 ? ? ? ? ? ? WATSON-CRICK ? ? ? 
hydrog13 hydrog ? ? C G 1 N1 ? ? ? 1_555 D C 4 N3 ? ? F G 8  E C 10 1_555 ? ? ? ? ? ? WATSON-CRICK ? ? ? 
hydrog14 hydrog ? ? C G 1 N2 ? ? ? 1_555 D C 4 O2 ? ? F G 8  E C 10 1_555 ? ? ? ? ? ? WATSON-CRICK ? ? ? 
hydrog15 hydrog ? ? C G 1 O6 ? ? ? 1_555 D C 4 N4 ? ? F G 8  E C 10 1_555 ? ? ? ? ? ? WATSON-CRICK ? ? ? 
hydrog16 hydrog ? ? C C 2 N3 ? ? ? 1_555 D G 3 N1 ? ? F C 9  E G 9  1_555 ? ? ? ? ? ? WATSON-CRICK ? ? ? 
hydrog17 hydrog ? ? C C 2 N4 ? ? ? 1_555 D G 3 O6 ? ? F C 9  E G 9  1_555 ? ? ? ? ? ? WATSON-CRICK ? ? ? 
hydrog18 hydrog ? ? C C 2 O2 ? ? ? 1_555 D G 3 N2 ? ? F C 9  E G 9  1_555 ? ? ? ? ? ? WATSON-CRICK ? ? ? 
hydrog19 hydrog ? ? C G 3 N1 ? ? ? 1_555 D C 2 N3 ? ? F G 10 E C 8  1_555 ? ? ? ? ? ? WATSON-CRICK ? ? ? 
hydrog20 hydrog ? ? C G 3 N2 ? ? ? 1_555 D C 2 O2 ? ? F G 10 E C 8  1_555 ? ? ? ? ? ? WATSON-CRICK ? ? ? 
hydrog21 hydrog ? ? C G 3 O6 ? ? ? 1_555 D C 2 N4 ? ? F G 10 E C 8  1_555 ? ? ? ? ? ? WATSON-CRICK ? ? ? 
hydrog22 hydrog ? ? C C 4 N3 ? ? ? 1_555 D G 1 N1 ? ? F C 11 E G 7  1_555 ? ? ? ? ? ? WATSON-CRICK ? ? ? 
hydrog23 hydrog ? ? C C 4 N4 ? ? ? 1_555 D G 1 O6 ? ? F C 11 E G 7  1_555 ? ? ? ? ? ? WATSON-CRICK ? ? ? 
hydrog24 hydrog ? ? C C 4 O2 ? ? ? 1_555 D G 1 N2 ? ? F C 11 E G 7  1_555 ? ? ? ? ? ? WATSON-CRICK ? ? ? 
# 
_struct_conn_type.id          hydrog 
_struct_conn_type.criteria    ? 
_struct_conn_type.reference   ? 
# 
_pdbx_validate_rmsd_angle.id                         1 
_pdbx_validate_rmsd_angle.PDB_model_num              1 
_pdbx_validate_rmsd_angle.auth_atom_id_1             N1 
_pdbx_validate_rmsd_angle.auth_asym_id_1             B 
_pdbx_validate_rmsd_angle.auth_comp_id_1             G 
_pdbx_validate_rmsd_angle.auth_seq_id_1              10 
_pdbx_validate_rmsd_angle.PDB_ins_code_1             ? 
_pdbx_validate_rmsd_angle.label_alt_id_1             ? 
_pdbx_validate_rmsd_angle.auth_atom_id_2             C6 
_pdbx_validate_rmsd_angle.auth_asym_id_2             B 
_pdbx_validate_rmsd_angle.auth_comp_id_2             G 
_pdbx_validate_rmsd_angle.auth_seq_id_2              10 
_pdbx_validate_rmsd_angle.PDB_ins_code_2             ? 
_pdbx_validate_rmsd_angle.label_alt_id_2             ? 
_pdbx_validate_rmsd_angle.auth_atom_id_3             O6 
_pdbx_validate_rmsd_angle.auth_asym_id_3             B 
_pdbx_validate_rmsd_angle.auth_comp_id_3             G 
_pdbx_validate_rmsd_angle.auth_seq_id_3              10 
_pdbx_validate_rmsd_angle.PDB_ins_code_3             ? 
_pdbx_validate_rmsd_angle.label_alt_id_3             ? 
_pdbx_validate_rmsd_angle.angle_value                115.95 
_pdbx_validate_rmsd_angle.angle_target_value         119.90 
_pdbx_validate_rmsd_angle.angle_deviation            -3.95 
_pdbx_validate_rmsd_angle.angle_standard_deviation   0.60 
_pdbx_validate_rmsd_angle.linker_flag                N 
# 
loop_
_pdbx_struct_special_symmetry.id 
_pdbx_struct_special_symmetry.PDB_model_num 
_pdbx_struct_special_symmetry.auth_asym_id 
_pdbx_struct_special_symmetry.auth_comp_id 
_pdbx_struct_special_symmetry.auth_seq_id 
_pdbx_struct_special_symmetry.PDB_ins_code 
_pdbx_struct_special_symmetry.label_asym_id 
_pdbx_struct_special_symmetry.label_comp_id 
_pdbx_struct_special_symmetry.label_seq_id 
1 1 A HOH 101 ? E HOH . 
2 1 A HOH 102 ? E HOH . 
3 1 A HOH 106 ? E HOH . 
4 1 B HOH 102 ? F HOH . 
5 1 B HOH 103 ? F HOH . 
6 1 B HOH 104 ? F HOH . 
# 
_phasing.method   MR 
# 
_pdbx_entry_details.entry_id                 4E6B 
_pdbx_entry_details.nonpolymer_details       ? 
_pdbx_entry_details.sequence_details         
;IN THE CRYSTAL, RNA 19-MER P(CGG)3C(CUG)3 PACKS IN A PSEUDO-CONTINUOUS DOUBLE HELIX WITH A 4-BASE ASYMMETRIC UNIT.  TO BEST REPRESENT THE ARRANGEMENT OF THE BASES, THE RNA HAS BEEN MODELED AS TWO OVERLAPPING (WITH THE APPLICATION OF CRYSTAL SYMMETRY) SELF-COMPLEMENTARY TETRAMER DUPLEXES WITH OCCUPANCY 0.5.
;
_pdbx_entry_details.compound_details         ? 
_pdbx_entry_details.source_details           ? 
_pdbx_entry_details.has_ligand_of_interest   ? 
# 
loop_
_chem_comp_atom.comp_id 
_chem_comp_atom.atom_id 
_chem_comp_atom.type_symbol 
_chem_comp_atom.pdbx_aromatic_flag 
_chem_comp_atom.pdbx_stereo_config 
_chem_comp_atom.pdbx_ordinal 
C   OP3    O N N 1  
C   P      P N N 2  
C   OP1    O N N 3  
C   OP2    O N N 4  
C   "O5'"  O N N 5  
C   "C5'"  C N N 6  
C   "C4'"  C N R 7  
C   "O4'"  O N N 8  
C   "C3'"  C N S 9  
C   "O3'"  O N N 10 
C   "C2'"  C N R 11 
C   "O2'"  O N N 12 
C   "C1'"  C N R 13 
C   N1     N N N 14 
C   C2     C N N 15 
C   O2     O N N 16 
C   N3     N N N 17 
C   C4     C N N 18 
C   N4     N N N 19 
C   C5     C N N 20 
C   C6     C N N 21 
C   HOP3   H N N 22 
C   HOP2   H N N 23 
C   "H5'"  H N N 24 
C   "H5''" H N N 25 
C   "H4'"  H N N 26 
C   "H3'"  H N N 27 
C   "HO3'" H N N 28 
C   "H2'"  H N N 29 
C   "HO2'" H N N 30 
C   "H1'"  H N N 31 
C   H41    H N N 32 
C   H42    H N N 33 
C   H5     H N N 34 
C   H6     H N N 35 
G   OP3    O N N 36 
G   P      P N N 37 
G   OP1    O N N 38 
G   OP2    O N N 39 
G   "O5'"  O N N 40 
G   "C5'"  C N N 41 
G   "C4'"  C N R 42 
G   "O4'"  O N N 43 
G   "C3'"  C N S 44 
G   "O3'"  O N N 45 
G   "C2'"  C N R 46 
G   "O2'"  O N N 47 
G   "C1'"  C N R 48 
G   N9     N Y N 49 
G   C8     C Y N 50 
G   N7     N Y N 51 
G   C5     C Y N 52 
G   C6     C N N 53 
G   O6     O N N 54 
G   N1     N N N 55 
G   C2     C N N 56 
G   N2     N N N 57 
G   N3     N N N 58 
G   C4     C Y N 59 
G   HOP3   H N N 60 
G   HOP2   H N N 61 
G   "H5'"  H N N 62 
G   "H5''" H N N 63 
G   "H4'"  H N N 64 
G   "H3'"  H N N 65 
G   "HO3'" H N N 66 
G   "H2'"  H N N 67 
G   "HO2'" H N N 68 
G   "H1'"  H N N 69 
G   H8     H N N 70 
G   H1     H N N 71 
G   H21    H N N 72 
G   H22    H N N 73 
HOH O      O N N 74 
HOH H1     H N N 75 
HOH H2     H N N 76 
# 
loop_
_chem_comp_bond.comp_id 
_chem_comp_bond.atom_id_1 
_chem_comp_bond.atom_id_2 
_chem_comp_bond.value_order 
_chem_comp_bond.pdbx_aromatic_flag 
_chem_comp_bond.pdbx_stereo_config 
_chem_comp_bond.pdbx_ordinal 
C   OP3   P      sing N N 1  
C   OP3   HOP3   sing N N 2  
C   P     OP1    doub N N 3  
C   P     OP2    sing N N 4  
C   P     "O5'"  sing N N 5  
C   OP2   HOP2   sing N N 6  
C   "O5'" "C5'"  sing N N 7  
C   "C5'" "C4'"  sing N N 8  
C   "C5'" "H5'"  sing N N 9  
C   "C5'" "H5''" sing N N 10 
C   "C4'" "O4'"  sing N N 11 
C   "C4'" "C3'"  sing N N 12 
C   "C4'" "H4'"  sing N N 13 
C   "O4'" "C1'"  sing N N 14 
C   "C3'" "O3'"  sing N N 15 
C   "C3'" "C2'"  sing N N 16 
C   "C3'" "H3'"  sing N N 17 
C   "O3'" "HO3'" sing N N 18 
C   "C2'" "O2'"  sing N N 19 
C   "C2'" "C1'"  sing N N 20 
C   "C2'" "H2'"  sing N N 21 
C   "O2'" "HO2'" sing N N 22 
C   "C1'" N1     sing N N 23 
C   "C1'" "H1'"  sing N N 24 
C   N1    C2     sing N N 25 
C   N1    C6     sing N N 26 
C   C2    O2     doub N N 27 
C   C2    N3     sing N N 28 
C   N3    C4     doub N N 29 
C   C4    N4     sing N N 30 
C   C4    C5     sing N N 31 
C   N4    H41    sing N N 32 
C   N4    H42    sing N N 33 
C   C5    C6     doub N N 34 
C   C5    H5     sing N N 35 
C   C6    H6     sing N N 36 
G   OP3   P      sing N N 37 
G   OP3   HOP3   sing N N 38 
G   P     OP1    doub N N 39 
G   P     OP2    sing N N 40 
G   P     "O5'"  sing N N 41 
G   OP2   HOP2   sing N N 42 
G   "O5'" "C5'"  sing N N 43 
G   "C5'" "C4'"  sing N N 44 
G   "C5'" "H5'"  sing N N 45 
G   "C5'" "H5''" sing N N 46 
G   "C4'" "O4'"  sing N N 47 
G   "C4'" "C3'"  sing N N 48 
G   "C4'" "H4'"  sing N N 49 
G   "O4'" "C1'"  sing N N 50 
G   "C3'" "O3'"  sing N N 51 
G   "C3'" "C2'"  sing N N 52 
G   "C3'" "H3'"  sing N N 53 
G   "O3'" "HO3'" sing N N 54 
G   "C2'" "O2'"  sing N N 55 
G   "C2'" "C1'"  sing N N 56 
G   "C2'" "H2'"  sing N N 57 
G   "O2'" "HO2'" sing N N 58 
G   "C1'" N9     sing N N 59 
G   "C1'" "H1'"  sing N N 60 
G   N9    C8     sing Y N 61 
G   N9    C4     sing Y N 62 
G   C8    N7     doub Y N 63 
G   C8    H8     sing N N 64 
G   N7    C5     sing Y N 65 
G   C5    C6     sing N N 66 
G   C5    C4     doub Y N 67 
G   C6    O6     doub N N 68 
G   C6    N1     sing N N 69 
G   N1    C2     sing N N 70 
G   N1    H1     sing N N 71 
G   C2    N2     sing N N 72 
G   C2    N3     doub N N 73 
G   N2    H21    sing N N 74 
G   N2    H22    sing N N 75 
G   N3    C4     sing N N 76 
HOH O     H1     sing N N 77 
HOH O     H2     sing N N 78 
# 
loop_
_ndb_struct_conf_na.entry_id 
_ndb_struct_conf_na.feature 
4E6B 'double helix'        
4E6B 'a-form double helix' 
# 
loop_
_ndb_struct_na_base_pair.model_number 
_ndb_struct_na_base_pair.i_label_asym_id 
_ndb_struct_na_base_pair.i_label_comp_id 
_ndb_struct_na_base_pair.i_label_seq_id 
_ndb_struct_na_base_pair.i_symmetry 
_ndb_struct_na_base_pair.j_label_asym_id 
_ndb_struct_na_base_pair.j_label_comp_id 
_ndb_struct_na_base_pair.j_label_seq_id 
_ndb_struct_na_base_pair.j_symmetry 
_ndb_struct_na_base_pair.shear 
_ndb_struct_na_base_pair.stretch 
_ndb_struct_na_base_pair.stagger 
_ndb_struct_na_base_pair.buckle 
_ndb_struct_na_base_pair.propeller 
_ndb_struct_na_base_pair.opening 
_ndb_struct_na_base_pair.pair_number 
_ndb_struct_na_base_pair.pair_name 
_ndb_struct_na_base_pair.i_auth_asym_id 
_ndb_struct_na_base_pair.i_auth_seq_id 
_ndb_struct_na_base_pair.i_PDB_ins_code 
_ndb_struct_na_base_pair.j_auth_asym_id 
_ndb_struct_na_base_pair.j_auth_seq_id 
_ndb_struct_na_base_pair.j_PDB_ins_code 
_ndb_struct_na_base_pair.hbond_type_28 
_ndb_struct_na_base_pair.hbond_type_12 
1 A C 1 1_555 B G 4 1_555 0.981  -0.502 -0.006 1.725  -4.682 -3.510 1 A_C8:G10_B A 8  ? B 10 ? 19 1 
1 A G 2 1_555 B C 3 1_555 -0.632 -0.378 -0.060 -4.393 -5.166 1.505  2 A_G9:C9_B  A 9  ? B 9  ? 19 1 
1 A C 3 1_555 B G 2 1_555 0.943  -0.439 0.045  -1.115 -5.189 -3.713 3 A_C10:G8_B A 10 ? B 8  ? 19 1 
1 A G 4 1_555 B C 1 1_555 -0.340 -0.269 0.010  -3.046 1.708  -1.549 4 A_G11:C7_B A 11 ? B 7  ? 19 1 
1 C G 1 1_555 D C 4 1_555 -0.925 -0.499 0.049  -0.495 -3.650 -6.319 5 F_G8:C10_E F 8  ? E 10 ? 19 1 
1 C C 2 1_555 D G 3 1_555 0.857  -0.594 -0.100 3.641  -3.650 -3.303 6 F_C9:G9_E  F 9  ? E 9  ? 19 1 
1 C G 3 1_555 D C 2 1_555 -1.070 -0.502 -0.030 -3.531 -6.245 -2.019 7 F_G10:C8_E F 10 ? E 8  ? 19 1 
1 C C 4 1_555 D G 1 1_555 0.396  -0.392 -0.179 3.444  1.505  -3.337 8 F_C11:G7_E F 11 ? E 7  ? 19 1 
# 
loop_
_ndb_struct_na_base_pair_step.model_number 
_ndb_struct_na_base_pair_step.i_label_asym_id_1 
_ndb_struct_na_base_pair_step.i_label_comp_id_1 
_ndb_struct_na_base_pair_step.i_label_seq_id_1 
_ndb_struct_na_base_pair_step.i_symmetry_1 
_ndb_struct_na_base_pair_step.j_label_asym_id_1 
_ndb_struct_na_base_pair_step.j_label_comp_id_1 
_ndb_struct_na_base_pair_step.j_label_seq_id_1 
_ndb_struct_na_base_pair_step.j_symmetry_1 
_ndb_struct_na_base_pair_step.i_label_asym_id_2 
_ndb_struct_na_base_pair_step.i_label_comp_id_2 
_ndb_struct_na_base_pair_step.i_label_seq_id_2 
_ndb_struct_na_base_pair_step.i_symmetry_2 
_ndb_struct_na_base_pair_step.j_label_asym_id_2 
_ndb_struct_na_base_pair_step.j_label_comp_id_2 
_ndb_struct_na_base_pair_step.j_label_seq_id_2 
_ndb_struct_na_base_pair_step.j_symmetry_2 
_ndb_struct_na_base_pair_step.shift 
_ndb_struct_na_base_pair_step.slide 
_ndb_struct_na_base_pair_step.rise 
_ndb_struct_na_base_pair_step.tilt 
_ndb_struct_na_base_pair_step.roll 
_ndb_struct_na_base_pair_step.twist 
_ndb_struct_na_base_pair_step.x_displacement 
_ndb_struct_na_base_pair_step.y_displacement 
_ndb_struct_na_base_pair_step.helical_rise 
_ndb_struct_na_base_pair_step.inclination 
_ndb_struct_na_base_pair_step.tip 
_ndb_struct_na_base_pair_step.helical_twist 
_ndb_struct_na_base_pair_step.step_number 
_ndb_struct_na_base_pair_step.step_name 
_ndb_struct_na_base_pair_step.i_auth_asym_id_1 
_ndb_struct_na_base_pair_step.i_auth_seq_id_1 
_ndb_struct_na_base_pair_step.i_PDB_ins_code_1 
_ndb_struct_na_base_pair_step.j_auth_asym_id_1 
_ndb_struct_na_base_pair_step.j_auth_seq_id_1 
_ndb_struct_na_base_pair_step.j_PDB_ins_code_1 
_ndb_struct_na_base_pair_step.i_auth_asym_id_2 
_ndb_struct_na_base_pair_step.i_auth_seq_id_2 
_ndb_struct_na_base_pair_step.i_PDB_ins_code_2 
_ndb_struct_na_base_pair_step.j_auth_asym_id_2 
_ndb_struct_na_base_pair_step.j_auth_seq_id_2 
_ndb_struct_na_base_pair_step.j_PDB_ins_code_2 
1 A C 1 1_555 B G 4 1_555 A G 2 1_555 B C 3 1_555 -0.092 -2.488 3.420 0.531  8.202 19.917 -9.619  0.439  2.226 22.514 -1.459 
21.530 1 AA_C8G9:C9G10_BB  A 8  ? B 10 ? A 9  ? B 9  ? 
1 A G 2 1_555 B C 3 1_555 A C 3 1_555 B G 2 1_555 -0.002 -1.815 3.196 -0.414 4.915 38.711 -3.277  -0.045 2.952 7.378  0.621  
39.012 2 AA_G9C10:G8C9_BB  A 9  ? B 9  ? A 10 ? B 8  ? 
1 A C 3 1_555 B G 2 1_555 A G 4 1_555 B C 1 1_555 0.262  -2.535 3.290 1.111  3.633 21.903 -7.870  -0.283 2.847 9.470  -2.895 
22.226 3 AA_C10G11:C7G8_BB A 10 ? B 8  ? A 11 ? B 7  ? 
1 A G 4 1_555 B C 1 1_555 C G 1 1_555 D C 4 1_555 -0.219 -2.546 3.240 -1.944 2.033 26.418 -6.057  -0.017 3.046 4.433  4.237  
26.565 4 AF_G11G8:C10C7_EB A 11 ? B 7  ? F 8  ? E 10 ? 
1 C G 1 1_555 D C 4 1_555 C C 2 1_555 D G 3 1_555 -0.150 -1.873 3.209 1.641  4.009 39.996 -3.157  0.396  3.007 5.841  -2.391 
40.221 5 FF_G8C9:G9C10_EE  F 8  ? E 10 ? F 9  ? E 9  ? 
1 C C 2 1_555 D G 3 1_555 C G 3 1_555 D C 2 1_555 0.447  -2.560 3.397 0.546  9.454 18.541 -10.577 -1.037 1.889 27.165 -1.570 
20.801 6 FF_C9G10:C8G9_EE  F 9  ? E 9  ? F 10 ? E 8  ? 
1 C G 3 1_555 D C 2 1_555 C C 4 1_555 D G 1 1_555 0.259  -1.979 3.140 1.683  1.399 38.842 -3.133  -0.194 3.078 2.102  -2.528 
38.901 7 FF_G10C11:G7C8_EE F 10 ? E 8  ? F 11 ? E 7  ? 
# 
_atom_sites.entry_id                    4E6B 
_atom_sites.fract_transf_matrix[1][1]   0.01297119 
_atom_sites.fract_transf_matrix[1][2]   0.02512005 
_atom_sites.fract_transf_matrix[1][3]   0.00658461 
_atom_sites.fract_transf_matrix[2][1]   0.00522425 
_atom_sites.fract_transf_matrix[2][2]   0.01953365 
_atom_sites.fract_transf_matrix[2][3]   -0.02082711 
_atom_sites.fract_transf_matrix[3][1]   -0.02559287 
_atom_sites.fract_transf_matrix[3][2]   0.01195822 
_atom_sites.fract_transf_matrix[3][3]   0.00479586 
_atom_sites.fract_transf_vector[1]      0.402417 
_atom_sites.fract_transf_vector[2]      0.391394 
_atom_sites.fract_transf_vector[3]      -0.037938 
# 
loop_
_atom_type.symbol 
C 
N 
O 
P 
# 
loop_
_atom_site.group_PDB 
_atom_site.id 
_atom_site.type_symbol 
_atom_site.label_atom_id 
_atom_site.label_alt_id 
_atom_site.label_comp_id 
_atom_site.label_asym_id 
_atom_site.label_entity_id 
_atom_site.label_seq_id 
_atom_site.pdbx_PDB_ins_code 
_atom_site.Cartn_x 
_atom_site.Cartn_y 
_atom_site.Cartn_z 
_atom_site.occupancy 
_atom_site.B_iso_or_equiv 
_atom_site.pdbx_formal_charge 
_atom_site.auth_seq_id 
_atom_site.auth_comp_id 
_atom_site.auth_asym_id 
_atom_site.auth_atom_id 
_atom_site.pdbx_PDB_model_num 
ATOM   1   P P     . C   A 1 1 ? -11.422 -7.378  0.200   0.50 30.69 ? 8   C   A P     1 
ATOM   2   O OP1   . C   A 1 1 ? -10.897 -8.731  -0.046  0.50 33.47 ? 8   C   A OP1   1 
ATOM   3   O OP2   . C   A 1 1 ? -10.653 -6.352  0.968   0.50 32.92 ? 8   C   A OP2   1 
ATOM   4   O "O5'" . C   A 1 1 ? -11.831 -6.716  -1.181  0.50 30.84 ? 8   C   A "O5'" 1 
ATOM   5   C "C5'" . C   A 1 1 ? -12.564 -7.436  -2.179  0.50 31.66 ? 8   C   A "C5'" 1 
ATOM   6   C "C4'" . C   A 1 1 ? -12.837 -6.583  -3.412  0.50 30.68 ? 8   C   A "C4'" 1 
ATOM   7   O "O4'" . C   A 1 1 ? -13.649 -5.447  -3.064  0.50 32.07 ? 8   C   A "O4'" 1 
ATOM   8   C "C3'" . C   A 1 1 ? -11.630 -5.937  -4.055  0.50 31.10 ? 8   C   A "C3'" 1 
ATOM   9   O "O3'" . C   A 1 1 ? -10.952 -6.864  -4.803  0.50 30.30 ? 8   C   A "O3'" 1 
ATOM   10  C "C2'" . C   A 1 1 ? -12.292 -4.843  -4.898  0.50 30.91 ? 8   C   A "C2'" 1 
ATOM   11  O "O2'" . C   A 1 1 ? -13.027 -5.313  -6.005  0.50 32.81 ? 8   C   A "O2'" 1 
ATOM   12  C "C1'" . C   A 1 1 ? -13.251 -4.311  -3.850  0.50 33.38 ? 8   C   A "C1'" 1 
ATOM   13  N N1    . C   A 1 1 ? -12.647 -3.315  -2.944  0.50 33.05 ? 8   C   A N1    1 
ATOM   14  C C2    . C   A 1 1 ? -12.389 -2.016  -3.377  0.50 32.68 ? 8   C   A C2    1 
ATOM   15  O O2    . C   A 1 1 ? -12.671 -1.677  -4.546  0.50 34.99 ? 8   C   A O2    1 
ATOM   16  N N3    . C   A 1 1 ? -11.835 -1.158  -2.492  0.50 33.24 ? 8   C   A N3    1 
ATOM   17  C C4    . C   A 1 1 ? -11.550 -1.549  -1.254  0.50 34.15 ? 8   C   A C4    1 
ATOM   18  N N4    . C   A 1 1 ? -11.003 -0.691  -0.386  0.50 35.75 ? 8   C   A N4    1 
ATOM   19  C C5    . C   A 1 1 ? -11.796 -2.861  -0.819  0.50 34.90 ? 8   C   A C5    1 
ATOM   20  C C6    . C   A 1 1 ? -12.344 -3.687  -1.683  0.50 33.24 ? 8   C   A C6    1 
ATOM   21  P P     . G   A 1 2 ? -9.398  -6.709  -5.103  0.50 32.77 ? 9   G   A P     1 
ATOM   22  O OP1   . G   A 1 2 ? -9.038  -7.889  -5.881  0.50 32.65 ? 9   G   A OP1   1 
ATOM   23  O OP2   . G   A 1 2 ? -8.624  -6.383  -3.889  0.50 33.36 ? 9   G   A OP2   1 
ATOM   24  O "O5'" . G   A 1 2 ? -9.326  -5.367  -6.001  0.50 31.09 ? 9   G   A "O5'" 1 
ATOM   25  C "C5'" . G   A 1 2 ? -9.777  -5.364  -7.337  0.50 30.53 ? 9   G   A "C5'" 1 
ATOM   26  C "C4'" . G   A 1 2 ? -9.519  -4.057  -8.033  0.50 28.75 ? 9   G   A "C4'" 1 
ATOM   27  O "O4'" . G   A 1 2 ? -10.267 -3.005  -7.403  0.50 29.66 ? 9   G   A "O4'" 1 
ATOM   28  C "C3'" . G   A 1 2 ? -8.088  -3.561  -7.977  0.50 29.70 ? 9   G   A "C3'" 1 
ATOM   29  O "O3'" . G   A 1 2 ? -7.322  -4.170  -8.954  0.50 27.49 ? 9   G   A "O3'" 1 
ATOM   30  C "C2'" . G   A 1 2 ? -8.277  -2.096  -8.286  0.50 29.99 ? 9   G   A "C2'" 1 
ATOM   31  O "O2'" . G   A 1 2 ? -8.503  -1.882  -9.658  0.50 29.27 ? 9   G   A "O2'" 1 
ATOM   32  C "C1'" . G   A 1 2 ? -9.510  -1.798  -7.435  0.50 32.89 ? 9   G   A "C1'" 1 
ATOM   33  N N9    . G   A 1 2 ? -9.123  -1.361  -6.094  0.50 33.88 ? 9   G   A N9    1 
ATOM   34  C C8    . G   A 1 2 ? -9.126  -2.064  -4.907  0.50 34.50 ? 9   G   A C8    1 
ATOM   35  N N7    . G   A 1 2 ? -8.712  -1.372  -3.871  0.50 34.99 ? 9   G   A N7    1 
ATOM   36  C C5    . G   A 1 2 ? -8.395  -0.140  -4.416  0.50 34.47 ? 9   G   A C5    1 
ATOM   37  C C6    . G   A 1 2 ? -7.873  1.060   -3.800  0.50 36.16 ? 9   G   A C6    1 
ATOM   38  O O6    . G   A 1 2 ? -7.586  1.248   -2.583  0.50 36.13 ? 9   G   A O6    1 
ATOM   39  N N1    . G   A 1 2 ? -7.682  2.109   -4.746  0.50 35.18 ? 9   G   A N1    1 
ATOM   40  C C2    . G   A 1 2 ? -7.958  2.026   -6.096  0.50 35.27 ? 9   G   A C2    1 
ATOM   41  N N2    . G   A 1 2 ? -7.719  3.134   -6.835  0.50 33.77 ? 9   G   A N2    1 
ATOM   42  N N3    . G   A 1 2 ? -8.456  0.890   -6.667  0.50 36.03 ? 9   G   A N3    1 
ATOM   43  C C4    . G   A 1 2 ? -8.641  -0.127  -5.781  0.50 34.34 ? 9   G   A C4    1 
ATOM   44  P P     . C   A 1 3 ? -5.783  -4.427  -8.717  0.50 29.31 ? 10  C   A P     1 
ATOM   45  O OP1   . C   A 1 3 ? -5.350  -5.280  -9.831  0.50 32.29 ? 10  C   A OP1   1 
ATOM   46  O OP2   . C   A 1 3 ? -5.537  -4.852  -7.329  0.50 30.07 ? 10  C   A OP2   1 
ATOM   47  O "O5'" . C   A 1 3 ? -5.081  -2.989  -8.825  0.50 29.35 ? 10  C   A "O5'" 1 
ATOM   48  C "C5'" . C   A 1 3 ? -5.072  -2.257  -10.043 0.50 29.03 ? 10  C   A "C5'" 1 
ATOM   49  C "C4'" . C   A 1 3 ? -4.642  -0.814  -9.833  0.50 28.18 ? 10  C   A "C4'" 1 
ATOM   50  O "O4'" . C   A 1 3 ? -5.555  -0.137  -8.936  0.50 29.47 ? 10  C   A "O4'" 1 
ATOM   51  C "C3'" . C   A 1 3 ? -3.302  -0.595  -9.181  0.50 27.13 ? 10  C   A "C3'" 1 
ATOM   52  O "O3'" . C   A 1 3 ? -2.282  -0.826  -10.095 0.50 24.39 ? 10  C   A "O3'" 1 
ATOM   53  C "C2'" . C   A 1 3 ? -3.439  0.869   -8.801  0.50 28.74 ? 10  C   A "C2'" 1 
ATOM   54  O "O2'" . C   A 1 3 ? -3.331  1.744   -9.888  0.50 29.52 ? 10  C   A "O2'" 1 
ATOM   55  C "C1'" . C   A 1 3 ? -4.859  0.885   -8.241  0.50 30.94 ? 10  C   A "C1'" 1 
ATOM   56  N N1    . C   A 1 3 ? -4.866  0.603   -6.758  0.50 31.88 ? 10  C   A N1    1 
ATOM   57  C C2    . C   A 1 3 ? -4.452  1.593   -5.873  0.50 30.92 ? 10  C   A C2    1 
ATOM   58  O O2    . C   A 1 3 ? -4.107  2.707   -6.288  0.50 32.75 ? 10  C   A O2    1 
ATOM   59  N N3    . C   A 1 3 ? -4.433  1.285   -4.576  0.50 32.64 ? 10  C   A N3    1 
ATOM   60  C C4    . C   A 1 3 ? -4.794  0.091   -4.135  0.50 32.89 ? 10  C   A C4    1 
ATOM   61  N N4    . C   A 1 3 ? -4.759  -0.140  -2.820  0.50 34.09 ? 10  C   A N4    1 
ATOM   62  C C5    . C   A 1 3 ? -5.210  -0.934  -5.001  0.50 32.92 ? 10  C   A C5    1 
ATOM   63  C C6    . C   A 1 3 ? -5.230  -0.635  -6.297  0.50 33.11 ? 10  C   A C6    1 
ATOM   64  P P     . G   A 1 4 ? -0.818  -1.267  -9.623  0.50 26.31 ? 11  G   A P     1 
ATOM   65  O OP1   . G   A 1 4 ? -0.014  -1.471  -10.846 0.50 26.59 ? 11  G   A OP1   1 
ATOM   66  O OP2   . G   A 1 4 ? -0.956  -2.384  -8.676  0.50 28.21 ? 11  G   A OP2   1 
ATOM   67  O "O5'" . G   A 1 4 ? -0.246  -0.012  -8.790  0.50 27.94 ? 11  G   A "O5'" 1 
ATOM   68  C "C5'" . G   A 1 4 ? 0.257   1.068   -9.484  0.50 27.00 ? 11  G   A "C5'" 1 
ATOM   69  C "C4'" . G   A 1 4 ? 0.558   2.230   -8.576  0.50 26.90 ? 11  G   A "C4'" 1 
ATOM   70  O "O4'" . G   A 1 4 ? -0.577  2.548   -7.753  0.50 27.83 ? 11  G   A "O4'" 1 
ATOM   71  C "C3'" . G   A 1 4 ? 1.642   2.039   -7.559  0.50 26.53 ? 11  G   A "C3'" 1 
ATOM   72  O "O3'" . G   A 1 4 ? 2.878   2.071   -8.191  0.50 26.03 ? 11  G   A "O3'" 1 
ATOM   73  C "C2'" . G   A 1 4 ? 1.396   3.268   -6.717  0.50 27.29 ? 11  G   A "C2'" 1 
ATOM   74  O "O2'" . G   A 1 4 ? 1.791   4.452   -7.362  0.50 25.53 ? 11  G   A "O2'" 1 
ATOM   75  C "C1'" . G   A 1 4 ? -0.119  3.180   -6.565  0.50 29.91 ? 11  G   A "C1'" 1 
ATOM   76  N N9    . G   A 1 4 ? -0.476  2.381   -5.423  0.50 30.16 ? 11  G   A N9    1 
ATOM   77  C C8    . G   A 1 4 ? -1.017  1.114   -5.382  0.50 30.80 ? 11  G   A C8    1 
ATOM   78  N N7    . G   A 1 4 ? -1.204  0.659   -4.166  0.50 31.29 ? 11  G   A N7    1 
ATOM   79  C C5    . G   A 1 4 ? -0.719  1.700   -3.365  0.50 30.38 ? 11  G   A C5    1 
ATOM   80  C C6    . G   A 1 4 ? -0.639  1.802   -1.966  0.50 32.27 ? 11  G   A C6    1 
ATOM   81  O O6    . G   A 1 4 ? -0.993  0.948   -1.135  0.50 33.04 ? 11  G   A O6    1 
ATOM   82  N N1    . G   A 1 4 ? -0.088  3.021   -1.532  0.50 31.29 ? 11  G   A N1    1 
ATOM   83  C C2    . G   A 1 4 ? 0.349   4.039   -2.376  0.50 31.53 ? 11  G   A C2    1 
ATOM   84  N N2    . G   A 1 4 ? 0.835   5.128   -1.732  0.50 31.25 ? 11  G   A N2    1 
ATOM   85  N N3    . G   A 1 4 ? 0.277   3.970   -3.736  0.50 29.51 ? 11  G   A N3    1 
ATOM   86  C C4    . G   A 1 4 ? -0.264  2.772   -4.125  0.50 30.47 ? 11  G   A C4    1 
ATOM   87  P P     . C   B 1 1 ? -0.688  4.519   8.586   0.50 26.16 ? 7   C   B P     1 
ATOM   88  O OP1   . C   B 1 1 ? -1.139  5.522   9.552   0.50 26.36 ? 7   C   B OP1   1 
ATOM   89  O OP2   . C   B 1 1 ? -1.536  3.347   8.294   0.50 28.30 ? 7   C   B OP2   1 
ATOM   90  O "O5'" . C   B 1 1 ? -0.461  5.200   7.139   0.50 27.50 ? 7   C   B "O5'" 1 
ATOM   91  C "C5'" . C   B 1 1 ? -0.043  6.502   7.036   0.50 26.48 ? 7   C   B "C5'" 1 
ATOM   92  C "C4'" . C   B 1 1 ? 0.251   6.904   5.595   0.50 25.29 ? 7   C   B "C4'" 1 
ATOM   93  O "O4'" . C   B 1 1 ? 1.176   5.983   4.970   0.50 27.01 ? 7   C   B "O4'" 1 
ATOM   94  C "C3'" . C   B 1 1 ? -0.898  6.965   4.607   0.50 24.21 ? 7   C   B "C3'" 1 
ATOM   95  O "O3'" . C   B 1 1 ? -1.672  8.083   4.836   0.50 26.22 ? 7   C   B "O3'" 1 
ATOM   96  C "C2'" . C   B 1 1 ? -0.067  7.114   3.381   0.50 24.23 ? 7   C   B "C2'" 1 
ATOM   97  O "O2'" . C   B 1 1 ? 0.547   8.373   3.335   0.50 24.09 ? 7   C   B "O2'" 1 
ATOM   98  C "C1'" . C   B 1 1 ? 0.963   6.031   3.568   0.50 26.89 ? 7   C   B "C1'" 1 
ATOM   99  N N1    . C   B 1 1 ? 0.477   4.707   3.073   0.50 27.98 ? 7   C   B N1    1 
ATOM   100 C C2    . C   B 1 1 ? 0.400   4.461   1.681   0.50 28.59 ? 7   C   B C2    1 
ATOM   101 O O2    . C   B 1 1 ? 0.752   5.304   0.840   0.50 29.44 ? 7   C   B O2    1 
ATOM   102 N N3    . C   B 1 1 ? -0.054  3.264   1.273   0.50 30.47 ? 7   C   B N3    1 
ATOM   103 C C4    . C   B 1 1 ? -0.434  2.332   2.128   0.50 29.69 ? 7   C   B C4    1 
ATOM   104 N N4    . C   B 1 1 ? -0.875  1.172   1.592   0.50 30.85 ? 7   C   B N4    1 
ATOM   105 C C5    . C   B 1 1 ? -0.385  2.535   3.539   0.50 28.96 ? 7   C   B C5    1 
ATOM   106 C C6    . C   B 1 1 ? 0.070   3.721   3.958   0.50 28.71 ? 7   C   B C6    1 
ATOM   107 P P     . G   B 1 2 ? -3.167  8.263   4.297   0.50 29.74 ? 8   G   B P     1 
ATOM   108 O OP1   . G   B 1 2 ? -3.675  9.507   4.887   0.50 31.63 ? 8   G   B OP1   1 
ATOM   109 O OP2   . G   B 1 2 ? -3.922  7.010   4.358   0.50 30.29 ? 8   G   B OP2   1 
ATOM   110 O "O5'" . G   B 1 2 ? -2.927  8.444   2.754   0.50 29.74 ? 8   G   B "O5'" 1 
ATOM   111 C "C5'" . G   B 1 2 ? -2.326  9.606   2.202   0.50 31.03 ? 8   G   B "C5'" 1 
ATOM   112 C "C4'" . G   B 1 2 ? -2.183  9.455   0.689   0.50 30.45 ? 8   G   B "C4'" 1 
ATOM   113 O "O4'" . G   B 1 2 ? -1.421  8.273   0.394   0.50 30.66 ? 8   G   B "O4'" 1 
ATOM   114 C "C3'" . G   B 1 2 ? -3.476  9.213   -0.086  0.50 29.76 ? 8   G   B "C3'" 1 
ATOM   115 O "O3'" . G   B 1 2 ? -4.194  10.381  -0.171  0.50 29.47 ? 8   G   B "O3'" 1 
ATOM   116 C "C2'" . G   B 1 2 ? -2.896  8.756   -1.409  0.50 29.78 ? 8   G   B "C2'" 1 
ATOM   117 O "O2'" . G   B 1 2 ? -2.279  9.769   -2.170  0.50 31.20 ? 8   G   B "O2'" 1 
ATOM   118 C "C1'" . G   B 1 2 ? -1.837  7.793   -0.874  0.50 32.24 ? 8   G   B "C1'" 1 
ATOM   119 N N9    . G   B 1 2 ? -2.349  6.463   -0.734  0.50 31.70 ? 8   G   B N9    1 
ATOM   120 C C8    . G   B 1 2 ? -2.611  5.762   0.403   0.50 32.29 ? 8   G   B C8    1 
ATOM   121 N N7    . G   B 1 2 ? -3.084  4.565   0.167   0.50 33.03 ? 8   G   B N7    1 
ATOM   122 C C5    . G   B 1 2 ? -3.130  4.488   -1.225  0.50 32.02 ? 8   G   B C5    1 
ATOM   123 C C6    . G   B 1 2 ? -3.564  3.430   -2.102  0.50 34.26 ? 8   G   B C6    1 
ATOM   124 O O6    . G   B 1 2 ? -3.998  2.288   -1.794  0.50 34.42 ? 8   G   B O6    1 
ATOM   125 N N1    . G   B 1 2 ? -3.458  3.777   -3.470  0.50 32.15 ? 8   G   B N1    1 
ATOM   126 C C2    . G   B 1 2 ? -2.983  4.979   -3.939  0.50 33.02 ? 8   G   B C2    1 
ATOM   127 N N2    . G   B 1 2 ? -2.973  5.087   -5.276  0.50 32.83 ? 8   G   B N2    1 
ATOM   128 N N3    . G   B 1 2 ? -2.566  5.991   -3.125  0.50 33.08 ? 8   G   B N3    1 
ATOM   129 C C4    . G   B 1 2 ? -2.678  5.657   -1.793  0.50 31.65 ? 8   G   B C4    1 
ATOM   130 P P     . C   B 1 3 ? -5.770  10.427  -0.318  0.50 32.47 ? 9   C   B P     1 
ATOM   131 O OP1   . C   B 1 3 ? -6.074  11.860  -0.276  0.50 32.64 ? 9   C   B OP1   1 
ATOM   132 O OP2   . C   B 1 3 ? -6.456  9.487   0.592   0.50 32.64 ? 9   C   B OP2   1 
ATOM   133 O "O5'" . C   B 1 3 ? -6.083  9.889   -1.777  0.50 30.08 ? 9   C   B "O5'" 1 
ATOM   134 C "C5'" . C   B 1 3 ? -5.650  10.586  -2.895  0.50 30.00 ? 9   C   B "C5'" 1 
ATOM   135 C "C4'" . C   B 1 3 ? -6.015  9.831   -4.162  0.50 29.59 ? 9   C   B "C4'" 1 
ATOM   136 O "O4'" . C   B 1 3 ? -5.222  8.640   -4.261  0.50 29.65 ? 9   C   B "O4'" 1 
ATOM   137 C "C3'" . C   B 1 3 ? -7.425  9.307   -4.241  0.50 29.20 ? 9   C   B "C3'" 1 
ATOM   138 O "O3'" . C   B 1 3 ? -8.295  10.305  -4.615  0.50 28.87 ? 9   C   B "O3'" 1 
ATOM   139 C "C2'" . C   B 1 3 ? -7.262  8.288   -5.326  0.50 29.60 ? 9   C   B "C2'" 1 
ATOM   140 O "O2'" . C   B 1 3 ? -7.118  8.880   -6.597  0.50 29.98 ? 9   C   B "O2'" 1 
ATOM   141 C "C1'" . C   B 1 3 ? -5.981  7.616   -4.852  0.50 30.92 ? 9   C   B "C1'" 1 
ATOM   142 N N1    . C   B 1 3 ? -6.207  6.519   -3.844  0.50 32.66 ? 9   C   B N1    1 
ATOM   143 C C2    . C   B 1 3 ? -6.595  5.245   -4.281  0.50 31.80 ? 9   C   B C2    1 
ATOM   144 O O2    . C   B 1 3 ? -6.753  5.010   -5.485  0.50 32.09 ? 9   C   B O2    1 
ATOM   145 N N3    . C   B 1 3 ? -6.783  4.301   -3.345  0.50 31.84 ? 9   C   B N3    1 
ATOM   146 C C4    . C   B 1 3 ? -6.627  4.538   -2.061  0.50 31.83 ? 9   C   B C4    1 
ATOM   147 N N4    . C   B 1 3 ? -6.845  3.516   -1.222  0.50 33.52 ? 9   C   B N4    1 
ATOM   148 C C5    . C   B 1 3 ? -6.242  5.812   -1.572  0.50 32.59 ? 9   C   B C5    1 
ATOM   149 C C6    . C   B 1 3 ? -6.041  6.760   -2.492  0.50 31.87 ? 9   C   B C6    1 
ATOM   150 P P     . G   B 1 4 ? -9.828  10.315  -4.130  0.50 30.50 ? 10  G   B P     1 
ATOM   151 O OP1   . G   B 1 4 ? -10.366 11.642  -4.479  0.50 31.92 ? 10  G   B OP1   1 
ATOM   152 O OP2   . G   B 1 4 ? -9.999  9.795   -2.772  0.50 31.28 ? 10  G   B OP2   1 
ATOM   153 O "O5'" . G   B 1 4 ? -10.536 9.161   -4.976  0.50 30.34 ? 10  G   B "O5'" 1 
ATOM   154 C "C5'" . G   B 1 4 ? -10.588 9.191   -6.397  0.50 29.49 ? 10  G   B "C5'" 1 
ATOM   155 C "C4'" . G   B 1 4 ? -10.979 7.826   -6.926  0.50 28.75 ? 10  G   B "C4'" 1 
ATOM   156 O "O4'" . G   B 1 4 ? -10.068 6.806   -6.469  0.50 29.72 ? 10  G   B "O4'" 1 
ATOM   157 C "C3'" . G   B 1 4 ? -12.280 7.283   -6.405  0.50 28.82 ? 10  G   B "C3'" 1 
ATOM   158 O "O3'" . G   B 1 4 ? -13.386 7.957   -6.991  0.50 25.98 ? 10  G   B "O3'" 1 
ATOM   159 C "C2'" . G   B 1 4 ? -12.172 5.843   -6.856  0.50 29.79 ? 10  G   B "C2'" 1 
ATOM   160 O "O2'" . G   B 1 4 ? -12.420 5.711   -8.220  0.50 29.89 ? 10  G   B "O2'" 1 
ATOM   161 C "C1'" . G   B 1 4 ? -10.714 5.546   -6.497  0.50 32.42 ? 10  G   B "C1'" 1 
ATOM   162 N N9    . G   B 1 4 ? -10.592 4.873   -5.207  0.50 32.73 ? 10  G   B N9    1 
ATOM   163 C C8    . G   B 1 4 ? -10.153 5.350   -3.988  0.50 33.57 ? 10  G   B C8    1 
ATOM   164 N N7    . G   B 1 4 ? -10.222 4.446   -3.029  0.50 33.50 ? 10  G   B N7    1 
ATOM   165 C C5    . G   B 1 4 ? -10.742 3.304   -3.666  0.50 33.22 ? 10  G   B C5    1 
ATOM   166 C C6    . G   B 1 4 ? -11.051 1.976   -3.182  0.50 34.64 ? 10  G   B C6    1 
ATOM   167 O O6    . G   B 1 4 ? -10.939 1.479   -2.041  0.50 35.40 ? 10  G   B O6    1 
ATOM   168 N N1    . G   B 1 4 ? -11.568 1.131   -4.169  0.50 34.50 ? 10  G   B N1    1 
ATOM   169 C C2    . G   B 1 4 ? -11.776 1.463   -5.487  0.50 34.47 ? 10  G   B C2    1 
ATOM   170 N N2    . G   B 1 4 ? -12.284 0.451   -6.248  0.50 33.84 ? 10  G   B N2    1 
ATOM   171 N N3    . G   B 1 4 ? -11.482 2.699   -5.966  0.50 34.16 ? 10  G   B N3    1 
ATOM   172 C C4    . G   B 1 4 ? -10.975 3.553   -5.004  0.50 32.99 ? 10  G   B C4    1 
ATOM   173 P P     . G   C 2 1 ? 4.376   1.448   -7.442  0.50 31.48 ? 8   G   F P     1 
ATOM   174 O OP1   . G   C 2 1 ? 5.426   1.601   -8.464  0.50 33.39 ? 8   G   F OP1   1 
ATOM   175 O OP2   . G   C 2 1 ? 4.131   0.210   -6.693  0.50 32.09 ? 8   G   F OP2   1 
ATOM   176 O "O5'" . G   C 2 1 ? 4.632   2.473   -6.271  0.50 31.72 ? 8   G   F "O5'" 1 
ATOM   177 C "C5'" . G   C 2 1 ? 4.979   3.820   -6.522  0.50 32.88 ? 8   G   F "C5'" 1 
ATOM   178 C "C4'" . G   C 2 1 ? 5.083   4.564   -5.198  0.50 32.96 ? 8   G   F "C4'" 1 
ATOM   179 O "O4'" . G   C 2 1 ? 3.806   4.532   -4.516  0.50 33.49 ? 8   G   F "O4'" 1 
ATOM   180 C "C3'" . G   C 2 1 ? 6.052   3.965   -4.169  0.50 32.97 ? 8   G   F "C3'" 1 
ATOM   181 O "O3'" . G   C 2 1 ? 7.399   4.216   -4.506  0.50 32.58 ? 8   G   F "O3'" 1 
ATOM   182 C "C2'" . G   C 2 1 ? 5.584   4.723   -2.940  0.50 32.98 ? 8   G   F "C2'" 1 
ATOM   183 O "O2'" . G   C 2 1 ? 5.981   6.074   -2.893  0.50 34.04 ? 8   G   F "O2'" 1 
ATOM   184 C "C1'" . G   C 2 1 ? 4.065   4.621   -3.120  0.50 34.78 ? 8   G   F "C1'" 1 
ATOM   185 N N9    . G   C 2 1 ? 3.568   3.455   -2.451  0.50 34.28 ? 8   G   F N9    1 
ATOM   186 C C8    . G   C 2 1 ? 3.070   2.304   -2.982  0.50 34.65 ? 8   G   F C8    1 
ATOM   187 N N7    . G   C 2 1 ? 2.729   1.434   -2.065  0.50 35.26 ? 8   G   F N7    1 
ATOM   188 C C5    . G   C 2 1 ? 3.040   2.069   -0.864  0.50 34.40 ? 8   G   F C5    1 
ATOM   189 C C6    . G   C 2 1 ? 2.901   1.629   0.492   0.50 36.52 ? 8   G   F C6    1 
ATOM   190 O O6    . G   C 2 1 ? 2.442   0.546   0.910   0.50 36.52 ? 8   G   F O6    1 
ATOM   191 N N1    . G   C 2 1 ? 3.345   2.591   1.427   0.50 34.74 ? 8   G   F N1    1 
ATOM   192 C C2    . G   C 2 1 ? 3.861   3.832   1.105   0.50 35.82 ? 8   G   F C2    1 
ATOM   193 N N2    . G   C 2 1 ? 4.231   4.593   2.154   0.50 35.43 ? 8   G   F N2    1 
ATOM   194 N N3    . G   C 2 1 ? 4.000   4.265   -0.175  0.50 35.11 ? 8   G   F N3    1 
ATOM   195 C C4    . G   C 2 1 ? 3.560   3.320   -1.087  0.50 34.34 ? 8   G   F C4    1 
ATOM   196 P P     . C   C 2 2 ? 8.615   3.259   -4.087  0.50 34.99 ? 9   C   F P     1 
ATOM   197 O OP1   . C   C 2 2 ? 9.759   3.847   -4.799  0.50 35.52 ? 9   C   F OP1   1 
ATOM   198 O OP2   . C   C 2 2 ? 8.331   1.782   -4.211  0.50 34.22 ? 9   C   F OP2   1 
ATOM   199 O "O5'" . C   C 2 2 ? 8.764   3.487   -2.519  0.50 32.08 ? 9   C   F "O5'" 1 
ATOM   200 C "C5'" . C   C 2 2 ? 9.046   4.745   -2.028  0.50 30.86 ? 9   C   F "C5'" 1 
ATOM   201 C "C4'" . C   C 2 2 ? 9.144   4.764   -0.514  0.50 30.20 ? 9   C   F "C4'" 1 
ATOM   202 O "O4'" . C   C 2 2 ? 7.827   4.639   0.037   0.50 29.42 ? 9   C   F "O4'" 1 
ATOM   203 C "C3'" . C   C 2 2 ? 9.903   3.626   0.104   0.50 30.13 ? 9   C   F "C3'" 1 
ATOM   204 O "O3'" . C   C 2 2 ? 11.246  3.875   0.118   0.50 28.84 ? 9   C   F "O3'" 1 
ATOM   205 C "C2'" . C   C 2 2 ? 9.348   3.641   1.495   0.50 30.96 ? 9   C   F "C2'" 1 
ATOM   206 O "O2'" . C   C 2 2 ? 9.874   4.681   2.284   0.50 32.19 ? 9   C   F "O2'" 1 
ATOM   207 C "C1'" . C   C 2 2 ? 7.881   3.852   1.190   0.50 31.90 ? 9   C   F "C1'" 1 
ATOM   208 N N1    . C   C 2 2 ? 7.176   2.579   0.944   0.50 33.78 ? 9   C   F N1    1 
ATOM   209 C C2    . C   C 2 2 ? 6.752   1.822   2.042   0.50 33.60 ? 9   C   F C2    1 
ATOM   210 O O2    . C   C 2 2 ? 6.956   2.189   3.202   0.50 33.56 ? 9   C   F O2    1 
ATOM   211 N N3    . C   C 2 2 ? 6.116   0.682   1.799   0.50 33.36 ? 9   C   F N3    1 
ATOM   212 C C4    . C   C 2 2 ? 5.879   0.259   0.580   0.50 33.24 ? 9   C   F C4    1 
ATOM   213 N N4    . C   C 2 2 ? 5.228   -0.911  0.471   0.50 34.83 ? 9   C   F N4    1 
ATOM   214 C C5    . C   C 2 2 ? 6.299   0.988   -0.567  0.50 33.91 ? 9   C   F C5    1 
ATOM   215 C C6    . C   C 2 2 ? 6.940   2.132   -0.336  0.50 32.99 ? 9   C   F C6    1 
ATOM   216 P P     . G   C 2 3 ? 12.289  2.668   -0.002  0.50 31.65 ? 10  G   F P     1 
ATOM   217 O OP1   . G   C 2 3 ? 13.604  3.286   -0.234  0.50 34.19 ? 10  G   F OP1   1 
ATOM   218 O OP2   . G   C 2 3 ? 11.778  1.604   -0.896  0.50 32.85 ? 10  G   F OP2   1 
ATOM   219 O "O5'" . G   C 2 3 ? 12.281  1.915   1.398   0.50 31.76 ? 10  G   F "O5'" 1 
ATOM   220 C "C5'" . G   C 2 3 ? 12.615  2.597   2.600   0.50 32.05 ? 10  G   F "C5'" 1 
ATOM   221 C "C4'" . G   C 2 3 ? 12.154  1.804   3.817   0.50 31.50 ? 10  G   F "C4'" 1 
ATOM   222 O "O4'" . G   C 2 3 ? 10.710  1.603   3.779   0.50 32.28 ? 10  G   F "O4'" 1 
ATOM   223 C "C3'" . G   C 2 3 ? 12.667  0.378   3.935   0.50 30.92 ? 10  G   F "C3'" 1 
ATOM   224 O "O3'" . G   C 2 3 ? 14.048  0.349   4.308   0.50 26.97 ? 10  G   F "O3'" 1 
ATOM   225 C "C2'" . G   C 2 3 ? 11.713  -0.121  5.020   0.50 32.27 ? 10  G   F "C2'" 1 
ATOM   226 O "O2'" . G   C 2 3 ? 12.030  0.358   6.297   0.50 32.57 ? 10  G   F "O2'" 1 
ATOM   227 C "C1'" . G   C 2 3 ? 10.364  0.461   4.556   0.50 34.77 ? 10  G   F "C1'" 1 
ATOM   228 N N9    . G   C 2 3 ? 9.585   -0.511  3.776   0.50 34.86 ? 10  G   F N9    1 
ATOM   229 C C8    . G   C 2 3 ? 9.342   -0.566  2.415   0.50 35.83 ? 10  G   F C8    1 
ATOM   230 N N7    . G   C 2 3 ? 8.629   -1.620  2.056   0.50 35.58 ? 10  G   F N7    1 
ATOM   231 C C5    . G   C 2 3 ? 8.400   -2.292  3.263   0.50 34.98 ? 10  G   F C5    1 
ATOM   232 C C6    . G   C 2 3 ? 7.681   -3.511  3.549   0.50 36.88 ? 10  G   F C6    1 
ATOM   233 O O6    . G   C 2 3 ? 7.078   -4.285  2.766   0.50 37.10 ? 10  G   F O6    1 
ATOM   234 N N1    . G   C 2 3 ? 7.697   -3.853  4.915   0.50 36.48 ? 10  G   F N1    1 
ATOM   235 C C2    . G   C 2 3 ? 8.310   -3.130  5.913   0.50 36.53 ? 10  G   F C2    1 
ATOM   236 N N2    . G   C 2 3 ? 8.163   -3.674  7.152   0.50 35.38 ? 10  G   F N2    1 
ATOM   237 N N3    . G   C 2 3 ? 8.988   -1.968  5.661   0.50 36.04 ? 10  G   F N3    1 
ATOM   238 C C4    . G   C 2 3 ? 8.984   -1.628  4.329   0.50 34.41 ? 10  G   F C4    1 
ATOM   239 P P     . C   C 2 4 ? 14.989  -0.898  3.960   0.50 27.48 ? 11  C   F P     1 
ATOM   240 O OP1   . C   C 2 4 ? 16.344  -0.609  4.462   0.50 26.90 ? 11  C   F OP1   1 
ATOM   241 O OP2   . C   C 2 4 ? 14.776  -1.213  2.539   0.50 30.00 ? 11  C   F OP2   1 
ATOM   242 O "O5'" . C   C 2 4 ? 14.391  -2.161  4.769   0.50 28.94 ? 11  C   F "O5'" 1 
ATOM   243 C "C5'" . C   C 2 4 ? 14.694  -2.339  6.131   0.50 28.27 ? 11  C   F "C5'" 1 
ATOM   244 C "C4'" . C   C 2 4 ? 13.894  -3.474  6.756   0.50 27.08 ? 11  C   F "C4'" 1 
ATOM   245 O "O4'" . C   C 2 4 ? 12.477  -3.334  6.511   0.50 27.99 ? 11  C   F "O4'" 1 
ATOM   246 C "C3'" . C   C 2 4 ? 14.147  -4.870  6.254   0.50 26.17 ? 11  C   F "C3'" 1 
ATOM   247 O "O3'" . C   C 2 4 ? 15.372  -5.317  6.722   0.50 27.09 ? 11  C   F "O3'" 1 
ATOM   248 C "C2'" . C   C 2 4 ? 12.991  -5.560  6.899   0.50 26.57 ? 11  C   F "C2'" 1 
ATOM   249 O "O2'" . C   C 2 4 ? 13.185  -5.636  8.282   0.50 26.38 ? 11  C   F "O2'" 1 
ATOM   250 C "C1'" . C   C 2 4 ? 11.861  -4.623  6.562   0.50 28.65 ? 11  C   F "C1'" 1 
ATOM   251 N N1    . C   C 2 4 ? 11.220  -4.947  5.243   0.50 29.47 ? 11  C   F N1    1 
ATOM   252 C C2    . C   C 2 4 ? 10.340  -6.035  5.128   0.50 29.37 ? 11  C   F C2    1 
ATOM   253 O O2    . C   C 2 4 ? 10.051  -6.752  6.100   0.50 30.44 ? 11  C   F O2    1 
ATOM   254 N N3    . C   C 2 4 ? 9.797   -6.293  3.925   0.50 31.78 ? 11  C   F N3    1 
ATOM   255 C C4    . C   C 2 4 ? 10.075  -5.571  2.868   0.50 30.96 ? 11  C   F C4    1 
ATOM   256 N N4    . C   C 2 4 ? 9.479   -5.921  1.703   0.50 32.12 ? 11  C   F N4    1 
ATOM   257 C C5    . C   C 2 4 ? 10.962  -4.471  2.948   0.50 30.60 ? 11  C   F C5    1 
ATOM   258 C C6    . C   C 2 4 ? 11.502  -4.201  4.134   0.50 30.18 ? 11  C   F C6    1 
ATOM   259 P P     . G   D 2 1 ? 1.970   -14.523 0.674   0.50 27.25 ? 7   G   E P     1 
ATOM   260 O OP1   . G   D 2 1 ? 0.688   -15.131 1.088   0.50 28.56 ? 7   G   E OP1   1 
ATOM   261 O OP2   . G   D 2 1 ? 1.992   -13.537 -0.423  0.50 29.32 ? 7   G   E OP2   1 
ATOM   262 O "O5'" . G   D 2 1 ? 2.715   -13.832 1.936   0.50 29.60 ? 7   G   E "O5'" 1 
ATOM   263 C "C5'" . G   D 2 1 ? 2.537   -14.398 3.175   0.50 28.50 ? 7   G   E "C5'" 1 
ATOM   264 C "C4'" . G   D 2 1 ? 3.417   -13.788 4.235   0.50 28.52 ? 7   G   E "C4'" 1 
ATOM   265 O "O4'" . G   D 2 1 ? 4.798   -13.779 3.803   0.50 30.20 ? 7   G   E "O4'" 1 
ATOM   266 C "C3'" . G   D 2 1 ? 3.139   -12.347 4.622   0.50 27.86 ? 7   G   E "C3'" 1 
ATOM   267 O "O3'" . G   D 2 1 ? 1.982   -12.267 5.388   0.50 27.95 ? 7   G   E "O3'" 1 
ATOM   268 C "C2'" . G   D 2 1 ? 4.387   -12.131 5.437   0.50 28.34 ? 7   G   E "C2'" 1 
ATOM   269 O "O2'" . G   D 2 1 ? 4.354   -12.842 6.659   0.50 27.02 ? 7   G   E "O2'" 1 
ATOM   270 C "C1'" . G   D 2 1 ? 5.441   -12.710 4.478   0.50 32.29 ? 7   G   E "C1'" 1 
ATOM   271 N N9    . G   D 2 1 ? 5.930   -11.744 3.505   0.50 32.66 ? 7   G   E N9    1 
ATOM   272 C C8    . G   D 2 1 ? 5.697   -11.644 2.137   0.50 33.61 ? 7   G   E C8    1 
ATOM   273 N N7    . G   D 2 1 ? 6.317   -10.615 1.572   0.50 34.36 ? 7   G   E N7    1 
ATOM   274 C C5    . G   D 2 1 ? 6.970   -9.994  2.654   0.50 32.97 ? 7   G   E C5    1 
ATOM   275 C C6    . G   D 2 1 ? 7.807   -8.836  2.721   0.50 35.15 ? 7   G   E C6    1 
ATOM   276 O O6    . G   D 2 1 ? 8.162   -8.069  1.810   0.50 35.68 ? 7   G   E O6    1 
ATOM   277 N N1    . G   D 2 1 ? 8.273   -8.565  4.014   0.50 34.30 ? 7   G   E N1    1 
ATOM   278 C C2    . G   D 2 1 ? 7.989   -9.316  5.139   0.50 34.29 ? 7   G   E C2    1 
ATOM   279 N N2    . G   D 2 1 ? 8.572   -8.854  6.276   0.50 33.58 ? 7   G   E N2    1 
ATOM   280 N N3    . G   D 2 1 ? 7.198   -10.435 5.106   0.50 33.08 ? 7   G   E N3    1 
ATOM   281 C C4    . G   D 2 1 ? 6.739   -10.686 3.843   0.50 32.71 ? 7   G   E C4    1 
ATOM   282 P P     . C   D 2 2 ? 1.206   -10.887 5.557   0.50 31.11 ? 8   C   E P     1 
ATOM   283 O OP1   . C   D 2 2 ? -0.001  -11.184 6.339   0.50 34.39 ? 8   C   E OP1   1 
ATOM   284 O OP2   . C   D 2 2 ? 1.097   -10.195 4.248   0.50 34.07 ? 8   C   E OP2   1 
ATOM   285 O "O5'" . C   D 2 2 ? 2.231   -10.062 6.428   0.50 31.70 ? 8   C   E "O5'" 1 
ATOM   286 C "C5'" . C   D 2 2 ? 2.465   -10.394 7.789   0.50 33.09 ? 8   C   E "C5'" 1 
ATOM   287 C "C4'" . C   D 2 2 ? 3.488   -9.462  8.433   0.50 33.40 ? 8   C   E "C4'" 1 
ATOM   288 O "O4'" . C   D 2 2 ? 4.734   -9.506  7.701   0.50 34.32 ? 8   C   E "O4'" 1 
ATOM   289 C "C3'" . C   D 2 2 ? 3.162   -7.980  8.443   0.50 33.34 ? 8   C   E "C3'" 1 
ATOM   290 O "O3'" . C   D 2 2 ? 2.235   -7.696  9.448   0.50 33.04 ? 8   C   E "O3'" 1 
ATOM   291 C "C2'" . C   D 2 2 ? 4.553   -7.382  8.701   0.50 33.73 ? 8   C   E "C2'" 1 
ATOM   292 O "O2'" . C   D 2 2 ? 5.100   -7.596  10.003  0.50 34.77 ? 8   C   E "O2'" 1 
ATOM   293 C "C1'" . C   D 2 2 ? 5.341   -8.206  7.696   0.50 35.77 ? 8   C   E "C1'" 1 
ATOM   294 N N1    . C   D 2 2 ? 5.337   -7.686  6.303   0.50 35.57 ? 8   C   E N1    1 
ATOM   295 C C2    . C   D 2 2 ? 6.103   -6.574  5.944   0.50 36.20 ? 8   C   E C2    1 
ATOM   296 O O2    . C   D 2 2 ? 6.800   -5.978  6.801   0.50 37.80 ? 8   C   E O2    1 
ATOM   297 N N3    . C   D 2 2 ? 6.059   -6.182  4.651   0.50 35.30 ? 8   C   E N3    1 
ATOM   298 C C4    . C   D 2 2 ? 5.309   -6.844  3.762   0.50 37.22 ? 8   C   E C4    1 
ATOM   299 N N4    . C   D 2 2 ? 5.267   -6.456  2.476   0.50 38.16 ? 8   C   E N4    1 
ATOM   300 C C5    . C   D 2 2 ? 4.537   -7.960  4.123   0.50 37.79 ? 8   C   E C5    1 
ATOM   301 C C6    . C   D 2 2 ? 4.591   -8.334  5.382   0.50 36.29 ? 8   C   E C6    1 
ATOM   302 P P     . G   D 2 3 ? 1.231   -6.462  9.342   0.50 35.03 ? 9   G   E P     1 
ATOM   303 O OP1   . G   D 2 3 ? 0.390   -6.492  10.549  0.50 34.22 ? 9   G   E OP1   1 
ATOM   304 O OP2   . G   D 2 3 ? 0.624   -6.365  8.004   0.50 34.76 ? 9   G   E OP2   1 
ATOM   305 O "O5'" . G   D 2 3 ? 2.199   -5.184  9.410   0.50 33.96 ? 9   G   E "O5'" 1 
ATOM   306 C "C5'" . G   D 2 3 ? 2.797   -4.781  10.613  0.50 33.42 ? 9   G   E "C5'" 1 
ATOM   307 C "C4'" . G   D 2 3 ? 3.601   -3.518  10.404  0.50 32.20 ? 9   G   E "C4'" 1 
ATOM   308 O "O4'" . G   D 2 3 ? 4.674   -3.737  9.461   0.50 33.26 ? 9   G   E "O4'" 1 
ATOM   309 C "C3'" . G   D 2 3 ? 2.855   -2.348  9.803   0.50 31.98 ? 9   G   E "C3'" 1 
ATOM   310 O "O3'" . G   D 2 3 ? 2.059   -1.751  10.771  0.50 29.62 ? 9   G   E "O3'" 1 
ATOM   311 C "C2'" . G   D 2 3 ? 4.026   -1.479  9.405   0.50 32.19 ? 9   G   E "C2'" 1 
ATOM   312 O "O2'" . G   D 2 3 ? 4.619   -0.874  10.517  0.50 31.80 ? 9   G   E "O2'" 1 
ATOM   313 C "C1'" . G   D 2 3 ? 4.963   -2.519  8.788   0.50 35.15 ? 9   G   E "C1'" 1 
ATOM   314 N N9    . G   D 2 3 ? 4.764   -2.653  7.341   0.50 36.31 ? 9   G   E N9    1 
ATOM   315 C C8    . G   D 2 3 ? 4.127   -3.651  6.620   0.50 36.48 ? 9   G   E C8    1 
ATOM   316 N N7    . G   D 2 3 ? 4.124   -3.439  5.316   0.50 36.77 ? 9   G   E N7    1 
ATOM   317 C C5    . G   D 2 3 ? 4.791   -2.222  5.180   0.50 36.20 ? 9   G   E C5    1 
ATOM   318 C C6    . G   D 2 3 ? 5.116   -1.437  4.010   0.50 37.49 ? 9   G   E C6    1 
ATOM   319 O O6    . G   D 2 3 ? 4.864   -1.682  2.801   0.50 38.00 ? 9   G   E O6    1 
ATOM   320 N N1    . G   D 2 3 ? 5.799   -0.237  4.334   0.50 37.14 ? 9   G   E N1    1 
ATOM   321 C C2    . G   D 2 3 ? 6.146   0.160   5.604   0.50 37.16 ? 9   G   E C2    1 
ATOM   322 N N2    . G   D 2 3 ? 6.794   1.321   5.682   0.50 35.71 ? 9   G   E N2    1 
ATOM   323 N N3    . G   D 2 3 ? 5.854   -0.569  6.713   0.50 37.80 ? 9   G   E N3    1 
ATOM   324 C C4    . G   D 2 3 ? 5.183   -1.729  6.417   0.50 36.22 ? 9   G   E C4    1 
ATOM   325 P P     . C   D 2 4 ? 0.702   -1.003  10.386  0.50 30.72 ? 10  C   E P     1 
ATOM   326 O OP1   . C   D 2 4 ? 0.075   -0.633  11.678  0.50 33.08 ? 10  C   E OP1   1 
ATOM   327 O OP2   . C   D 2 4 ? -0.066  -1.795  9.393   0.50 32.69 ? 10  C   E OP2   1 
ATOM   328 O "O5'" . C   D 2 4 ? 1.164   0.329   9.620   0.50 30.83 ? 10  C   E "O5'" 1 
ATOM   329 C "C5'" . C   D 2 4 ? 1.928   1.323   10.297  0.50 30.05 ? 10  C   E "C5'" 1 
ATOM   330 C "C4'" . C   D 2 4 ? 2.523   2.316   9.308   0.50 29.18 ? 10  C   E "C4'" 1 
ATOM   331 O "O4'" . C   D 2 4 ? 3.407   1.633   8.395   0.50 30.56 ? 10  C   E "O4'" 1 
ATOM   332 C "C3'" . C   D 2 4 ? 1.540   2.976   8.382   0.50 28.58 ? 10  C   E "C3'" 1 
ATOM   333 O "O3'" . C   D 2 4 ? 0.855   4.012   9.051   0.50 26.12 ? 10  C   E "O3'" 1 
ATOM   334 C "C2'" . C   D 2 4 ? 2.474   3.513   7.328   0.50 30.32 ? 10  C   E "C2'" 1 
ATOM   335 O "O2'" . C   D 2 4 ? 3.170   4.651   7.753   0.50 31.18 ? 10  C   E "O2'" 1 
ATOM   336 C "C1'" . C   D 2 4 ? 3.416   2.328   7.158   0.50 33.11 ? 10  C   E "C1'" 1 
ATOM   337 N N1    . C   D 2 4 ? 2.965   1.433   6.047   0.50 34.15 ? 10  C   E N1    1 
ATOM   338 C C2    . C   D 2 4 ? 3.131   1.861   4.728   0.50 34.04 ? 10  C   E C2    1 
ATOM   339 O O2    . C   D 2 4 ? 3.658   2.947   4.463   0.50 35.45 ? 10  C   E O2    1 
ATOM   340 N N3    . C   D 2 4 ? 2.691   1.061   3.765   0.50 35.19 ? 10  C   E N3    1 
ATOM   341 C C4    . C   D 2 4 ? 2.122   -0.103  4.041   0.50 35.46 ? 10  C   E C4    1 
ATOM   342 N N4    . C   D 2 4 ? 1.721   -0.849  3.009   0.50 36.46 ? 10  C   E N4    1 
ATOM   343 C C5    . C   D 2 4 ? 1.934   -0.563  5.359   0.50 35.42 ? 10  C   E C5    1 
ATOM   344 C C6    . C   D 2 4 ? 2.372   0.231   6.328   0.50 35.56 ? 10  C   E C6    1 
HETATM 345 O O     . HOH E 3 . ? 0.786   0.206   -12.826 0.33 26.08 ? 101 HOH A O     1 
HETATM 346 O O     . HOH E 3 . ? -2.057  1.534   -12.294 0.33 25.90 ? 102 HOH A O     1 
HETATM 347 O O     . HOH E 3 . ? -1.696  -2.256  -6.057  1.00 49.32 ? 103 HOH A O     1 
HETATM 348 O O     . HOH E 3 . ? -8.742  -4.355  -1.646  1.00 44.86 ? 104 HOH A O     1 
HETATM 349 O O     . HOH E 3 . ? -7.724  0.275   -11.176 1.00 64.28 ? 105 HOH A O     1 
HETATM 350 O O     . HOH E 3 . ? -6.403  3.565   -11.479 0.16 24.35 ? 106 HOH A O     1 
HETATM 351 O O     . HOH E 3 . ? -1.075  -4.918  -9.615  1.00 34.53 ? 107 HOH A O     1 
HETATM 352 O O     . HOH E 3 . ? -10.295 -1.028  1.934   0.50 30.00 ? 108 HOH A O     1 
HETATM 353 O O     . HOH E 3 . ? -12.920 -7.827  -6.987  1.00 30.00 ? 109 HOH A O     1 
HETATM 354 O O     . HOH E 3 . ? -5.972  -4.531  -4.410  0.50 30.00 ? 110 HOH A O     1 
HETATM 355 O O     . HOH F 3 . ? -3.792  5.413   10.737  1.00 44.73 ? 101 HOH B O     1 
HETATM 356 O O     . HOH F 3 . ? -9.671  5.090   -10.868 0.17 23.90 ? 102 HOH B O     1 
HETATM 357 O O     . HOH F 3 . ? -16.963 8.499   -9.500  0.33 30.00 ? 103 HOH B O     1 
HETATM 358 O O     . HOH F 3 . ? -13.953 7.092   -10.065 0.33 30.00 ? 104 HOH B O     1 
HETATM 359 O O     . HOH F 3 . ? -1.613  0.563   6.701   0.50 30.00 ? 105 HOH B O     1 
HETATM 360 O O     . HOH F 3 . ? -2.752  2.064   10.659  0.50 30.00 ? 106 HOH B O     1 
HETATM 361 O O     . HOH G 3 . ? 6.022   1.554   10.523  1.00 30.00 ? 101 HOH E O     1 
HETATM 362 O O     . HOH G 3 . ? 4.020   -7.233  0.810   0.50 30.00 ? 102 HOH E O     1 
# 
